data_4KGI
#
_entry.id   4KGI
#
_cell.length_a   57.849
_cell.length_b   63.964
_cell.length_c   64.238
_cell.angle_alpha   94.410
_cell.angle_beta   103.230
_cell.angle_gamma   92.110
#
_symmetry.space_group_name_H-M   'P 1'
#
loop_
_entity.id
_entity.type
_entity.pdbx_description
1 polymer 'Glutathione S-transferase'
2 non-polymer GLUTATHIONE
3 water water
#
_entity_poly.entity_id   1
_entity_poly.type   'polypeptide(L)'
_entity_poly.pdbx_seq_one_letter_code
;MHHHHHHSSGVDLGTENLYFQSMKLFYKPGACSLASHITLRESGKDFTLVSVDLMKKRLENGDDYFSVNPKGQVPALLLD
DGTLLTEGVAIMQYLADSVPDRQLLAPVNSISRYKTIEWLNYIATELHKGFTPLFRPDTPEEYKPTVRAQLDKKLQYVNE
ALKDEHWICGQRFTIADAYLFTVLRWAYAVKLNLEGLEHIAAFMQRMAERPEVQDALSAEGLK
;
_entity_poly.pdbx_strand_id   A,B,C,D
#
loop_
_chem_comp.id
_chem_comp.type
_chem_comp.name
_chem_comp.formula
GSH non-polymer GLUTATHIONE 'C10 H17 N3 O6 S'
#
# COMPACT_ATOMS: atom_id res chain seq x y z
N MET A 23 -6.52 -8.10 29.97
CA MET A 23 -5.39 -8.58 29.15
C MET A 23 -4.78 -7.47 28.31
N LYS A 24 -3.47 -7.57 28.10
CA LYS A 24 -2.72 -6.69 27.20
C LYS A 24 -2.19 -7.50 26.04
N LEU A 25 -2.44 -7.02 24.81
CA LEU A 25 -1.83 -7.59 23.62
C LEU A 25 -0.73 -6.65 23.11
N PHE A 26 0.49 -7.14 23.10
CA PHE A 26 1.60 -6.44 22.51
C PHE A 26 1.56 -6.69 21.02
N TYR A 27 1.53 -5.61 20.23
CA TYR A 27 1.27 -5.70 18.80
C TYR A 27 2.02 -4.66 17.98
N LYS A 28 2.04 -4.88 16.67
CA LYS A 28 2.45 -3.90 15.69
C LYS A 28 1.47 -3.92 14.53
N PRO A 29 1.06 -2.76 14.03
CA PRO A 29 -0.03 -2.75 13.04
C PRO A 29 0.26 -3.64 11.83
N GLY A 30 -0.65 -4.56 11.53
CA GLY A 30 -0.54 -5.38 10.34
C GLY A 30 0.41 -6.56 10.49
N ALA A 31 1.15 -6.65 11.58
CA ALA A 31 1.99 -7.84 11.83
C ALA A 31 1.13 -9.07 12.18
N CYS A 32 1.80 -10.17 12.50
CA CYS A 32 1.12 -11.45 12.66
C CYS A 32 0.21 -11.33 13.89
N SER A 33 0.50 -10.39 14.79
CA SER A 33 -0.30 -10.17 15.99
C SER A 33 -1.74 -9.78 15.69
N LEU A 34 -2.01 -9.34 14.47
CA LEU A 34 -3.37 -9.05 14.05
C LEU A 34 -4.27 -10.26 14.23
N ALA A 35 -3.73 -11.47 14.05
CA ALA A 35 -4.57 -12.64 14.19
C ALA A 35 -4.99 -12.86 15.60
N SER A 36 -4.08 -12.62 16.54
CA SER A 36 -4.40 -12.70 17.97
C SER A 36 -5.38 -11.58 18.36
N HIS A 37 -5.19 -10.41 17.76
CA HIS A 37 -6.09 -9.28 17.98
C HIS A 37 -7.52 -9.59 17.52
N ILE A 38 -7.66 -10.09 16.30
CA ILE A 38 -8.97 -10.51 15.82
C ILE A 38 -9.55 -11.58 16.75
N THR A 39 -8.73 -12.53 17.17
CA THR A 39 -9.23 -13.59 18.03
C THR A 39 -9.75 -13.06 19.38
N LEU A 40 -9.04 -12.11 19.95
CA LEU A 40 -9.51 -11.45 21.17
C LEU A 40 -10.91 -10.84 20.99
N ARG A 41 -11.12 -10.20 19.86
CA ARG A 41 -12.41 -9.60 19.59
C ARG A 41 -13.46 -10.66 19.37
N GLU A 42 -13.10 -11.71 18.62
CA GLU A 42 -14.07 -12.76 18.36
C GLU A 42 -14.41 -13.56 19.64
N SER A 43 -13.49 -13.57 20.60
CA SER A 43 -13.70 -14.22 21.89
C SER A 43 -14.45 -13.36 22.91
N GLY A 44 -14.67 -12.08 22.59
CA GLY A 44 -15.44 -11.21 23.45
C GLY A 44 -14.71 -10.74 24.69
N LYS A 45 -13.38 -10.67 24.58
CA LYS A 45 -12.48 -10.36 25.70
C LYS A 45 -12.31 -8.90 25.94
N ASP A 46 -12.11 -8.54 27.21
CA ASP A 46 -11.65 -7.22 27.58
C ASP A 46 -10.13 -7.24 27.50
N PHE A 47 -9.59 -6.32 26.72
CA PHE A 47 -8.17 -6.25 26.52
C PHE A 47 -7.79 -4.85 26.13
N THR A 48 -6.49 -4.56 26.22
CA THR A 48 -5.96 -3.32 25.70
C THR A 48 -4.79 -3.64 24.78
N LEU A 49 -4.60 -2.76 23.82
CA LEU A 49 -3.51 -2.88 22.86
C LEU A 49 -2.31 -2.08 23.35
N VAL A 50 -1.14 -2.69 23.25
CA VAL A 50 0.13 -2.04 23.59
C VAL A 50 1.06 -2.12 22.38
N SER A 51 1.23 -0.97 21.72
N SER A 51 1.23 -0.95 21.75
CA SER A 51 2.07 -0.89 20.54
CA SER A 51 2.06 -0.84 20.56
C SER A 51 3.54 -0.97 20.93
C SER A 51 3.55 -0.98 20.93
N VAL A 52 4.28 -1.77 20.18
CA VAL A 52 5.72 -1.96 20.43
C VAL A 52 6.49 -1.36 19.29
N ASP A 53 7.52 -0.58 19.64
CA ASP A 53 8.50 -0.13 18.66
C ASP A 53 9.48 -1.27 18.50
N LEU A 54 9.38 -1.96 17.36
CA LEU A 54 10.18 -3.16 17.15
C LEU A 54 11.56 -2.85 16.57
N MET A 55 11.84 -1.59 16.24
CA MET A 55 13.21 -1.27 15.87
C MET A 55 14.05 -1.05 17.15
N LYS A 56 13.53 -0.22 18.07
CA LYS A 56 14.23 -0.02 19.34
C LYS A 56 13.91 -1.08 20.42
N LYS A 57 12.86 -1.87 20.19
CA LYS A 57 12.33 -2.85 21.17
C LYS A 57 11.99 -2.11 22.46
N ARG A 58 11.03 -1.20 22.34
CA ARG A 58 10.65 -0.31 23.43
C ARG A 58 9.13 -0.16 23.46
N LEU A 59 8.61 -0.05 24.67
CA LEU A 59 7.24 0.39 24.89
C LEU A 59 7.18 1.91 25.05
N GLU A 60 5.96 2.46 25.01
CA GLU A 60 5.77 3.90 25.19
C GLU A 60 6.22 4.41 26.56
N ASN A 61 6.20 3.53 27.56
CA ASN A 61 6.66 3.93 28.87
C ASN A 61 8.18 3.81 29.02
N GLY A 62 8.88 3.49 27.92
CA GLY A 62 10.32 3.42 27.89
C GLY A 62 10.91 2.07 28.25
N ASP A 63 10.06 1.14 28.70
CA ASP A 63 10.53 -0.17 29.13
C ASP A 63 11.16 -0.92 27.97
N ASP A 64 12.19 -1.68 28.27
CA ASP A 64 12.81 -2.55 27.29
C ASP A 64 11.89 -3.72 27.04
N TYR A 65 11.44 -3.86 25.80
CA TYR A 65 10.54 -4.94 25.44
C TYR A 65 11.20 -6.30 25.62
N PHE A 66 12.52 -6.40 25.53
CA PHE A 66 13.19 -7.67 25.78
C PHE A 66 12.95 -8.15 27.23
N SER A 67 12.66 -7.22 28.13
N SER A 67 12.61 -7.22 28.13
CA SER A 67 12.27 -7.59 29.50
CA SER A 67 12.27 -7.60 29.50
C SER A 67 10.88 -8.24 29.61
C SER A 67 10.84 -8.14 29.66
N VAL A 68 10.03 -8.00 28.61
CA VAL A 68 8.70 -8.57 28.57
C VAL A 68 8.72 -9.88 27.80
N ASN A 69 9.18 -9.79 26.55
CA ASN A 69 9.38 -10.99 25.72
C ASN A 69 10.85 -11.08 25.29
N PRO A 70 11.61 -12.01 25.88
CA PRO A 70 13.04 -12.18 25.53
C PRO A 70 13.26 -12.45 24.05
N LYS A 71 12.26 -12.99 23.34
CA LYS A 71 12.36 -13.21 21.91
C LYS A 71 12.17 -11.91 21.11
N GLY A 72 11.69 -10.86 21.76
CA GLY A 72 11.59 -9.55 21.14
C GLY A 72 10.63 -9.43 19.98
N GLN A 73 9.62 -10.30 19.96
CA GLN A 73 8.60 -10.32 18.92
C GLN A 73 7.20 -10.03 19.43
N VAL A 74 6.32 -9.68 18.51
CA VAL A 74 4.91 -9.71 18.75
C VAL A 74 4.34 -10.89 17.98
N PRO A 75 3.18 -11.40 18.42
CA PRO A 75 2.46 -11.02 19.62
C PRO A 75 2.99 -11.53 20.93
N ALA A 76 2.59 -10.85 22.00
CA ALA A 76 2.68 -11.41 23.34
C ALA A 76 1.39 -10.99 24.04
N LEU A 77 0.90 -11.85 24.94
CA LEU A 77 -0.35 -11.60 25.66
C LEU A 77 -0.04 -11.68 27.14
N LEU A 78 -0.22 -10.55 27.83
CA LEU A 78 -0.04 -10.50 29.28
C LEU A 78 -1.39 -10.68 29.93
N LEU A 79 -1.50 -11.76 30.67
CA LEU A 79 -2.67 -12.07 31.49
C LEU A 79 -2.64 -11.25 32.79
N ASP A 80 -3.79 -11.07 33.42
CA ASP A 80 -3.86 -10.23 34.62
C ASP A 80 -3.00 -10.79 35.76
N ASP A 81 -2.87 -12.12 35.82
CA ASP A 81 -2.06 -12.75 36.84
C ASP A 81 -0.57 -12.47 36.61
N GLY A 82 -0.23 -11.84 35.47
CA GLY A 82 1.15 -11.54 35.18
C GLY A 82 1.79 -12.58 34.27
N THR A 83 1.05 -13.62 33.92
CA THR A 83 1.56 -14.64 33.00
C THR A 83 1.67 -14.08 31.58
N LEU A 84 2.83 -14.24 30.96
CA LEU A 84 3.07 -13.73 29.63
C LEU A 84 3.06 -14.92 28.69
N LEU A 85 2.13 -14.93 27.74
CA LEU A 85 2.09 -15.95 26.72
C LEU A 85 2.57 -15.38 25.39
N THR A 86 3.48 -16.12 24.75
CA THR A 86 3.97 -15.76 23.42
C THR A 86 3.53 -16.87 22.44
N GLU A 87 3.82 -16.65 21.17
CA GLU A 87 3.51 -17.52 20.04
C GLU A 87 2.02 -17.37 19.71
N GLY A 88 1.77 -16.78 18.56
CA GLY A 88 0.40 -16.51 18.15
C GLY A 88 -0.52 -17.73 18.21
N VAL A 89 -0.08 -18.86 17.68
CA VAL A 89 -0.88 -20.08 17.72
C VAL A 89 -1.24 -20.47 19.16
N ALA A 90 -0.31 -20.32 20.09
CA ALA A 90 -0.58 -20.67 21.49
C ALA A 90 -1.62 -19.68 22.08
N ILE A 91 -1.44 -18.39 21.80
CA ILE A 91 -2.35 -17.36 22.25
C ILE A 91 -3.79 -17.58 21.75
N MET A 92 -3.89 -17.92 20.47
CA MET A 92 -5.21 -18.12 19.88
C MET A 92 -5.89 -19.38 20.45
N GLN A 93 -5.14 -20.46 20.69
CA GLN A 93 -5.73 -21.66 21.31
C GLN A 93 -6.23 -21.31 22.72
N TYR A 94 -5.41 -20.59 23.49
CA TYR A 94 -5.75 -20.25 24.88
C TYR A 94 -7.07 -19.49 24.88
N LEU A 95 -7.14 -18.49 24.01
CA LEU A 95 -8.36 -17.71 23.89
C LEU A 95 -9.57 -18.53 23.45
N ALA A 96 -9.41 -19.33 22.40
CA ALA A 96 -10.51 -20.14 21.91
C ALA A 96 -11.01 -21.14 22.96
N ASP A 97 -10.10 -21.73 23.72
CA ASP A 97 -10.50 -22.71 24.74
C ASP A 97 -11.32 -22.04 25.84
N SER A 98 -11.16 -20.74 26.01
CA SER A 98 -11.83 -20.05 27.12
C SER A 98 -13.29 -19.77 26.79
N VAL A 99 -13.66 -19.93 25.52
CA VAL A 99 -15.02 -19.66 25.06
C VAL A 99 -15.52 -20.75 24.12
N PRO A 100 -15.67 -21.98 24.64
CA PRO A 100 -15.95 -23.15 23.80
C PRO A 100 -17.27 -23.06 23.03
N ASP A 101 -18.20 -22.26 23.53
CA ASP A 101 -19.48 -22.13 22.88
C ASP A 101 -19.42 -21.30 21.60
N ARG A 102 -18.35 -20.52 21.42
CA ARG A 102 -18.20 -19.76 20.19
C ARG A 102 -17.66 -20.60 19.05
N GLN A 103 -17.21 -21.80 19.37
CA GLN A 103 -16.75 -22.77 18.37
C GLN A 103 -15.61 -22.23 17.50
N LEU A 104 -14.74 -21.41 18.11
CA LEU A 104 -13.54 -20.92 17.47
C LEU A 104 -12.48 -22.02 17.35
N LEU A 105 -12.62 -23.05 18.18
CA LEU A 105 -11.86 -24.29 18.08
C LEU A 105 -12.70 -25.45 18.61
N ALA A 106 -12.75 -26.56 17.89
CA ALA A 106 -13.62 -27.66 18.29
C ALA A 106 -13.06 -28.38 19.54
N PRO A 107 -13.88 -29.18 20.21
CA PRO A 107 -13.46 -29.80 21.47
C PRO A 107 -12.31 -30.81 21.33
N VAL A 108 -11.56 -31.00 22.42
CA VAL A 108 -10.52 -32.01 22.50
C VAL A 108 -11.06 -33.40 22.09
N ASN A 109 -10.21 -34.14 21.39
CA ASN A 109 -10.49 -35.47 20.89
C ASN A 109 -11.56 -35.52 19.81
N SER A 110 -11.90 -34.36 19.23
CA SER A 110 -12.76 -34.34 18.05
C SER A 110 -11.84 -34.10 16.85
N ILE A 111 -12.08 -34.82 15.77
CA ILE A 111 -11.20 -34.69 14.64
C ILE A 111 -11.21 -33.24 14.11
N SER A 112 -12.34 -32.54 14.21
CA SER A 112 -12.42 -31.17 13.72
C SER A 112 -11.34 -30.30 14.40
N ARG A 113 -11.09 -30.54 15.67
CA ARG A 113 -10.08 -29.76 16.36
C ARG A 113 -8.73 -29.87 15.71
N TYR A 114 -8.28 -31.11 15.48
CA TYR A 114 -6.93 -31.31 15.01
C TYR A 114 -6.81 -30.86 13.55
N LYS A 115 -7.91 -30.85 12.79
CA LYS A 115 -7.89 -30.25 11.45
C LYS A 115 -7.68 -28.72 11.51
N THR A 116 -8.27 -28.08 12.50
CA THR A 116 -7.98 -26.66 12.69
C THR A 116 -6.52 -26.43 13.11
N ILE A 117 -6.01 -27.28 13.98
CA ILE A 117 -4.61 -27.15 14.42
C ILE A 117 -3.66 -27.43 13.26
N GLU A 118 -4.04 -28.36 12.39
CA GLU A 118 -3.32 -28.63 11.15
C GLU A 118 -3.20 -27.34 10.33
N TRP A 119 -4.32 -26.67 10.11
CA TRP A 119 -4.30 -25.42 9.36
C TRP A 119 -3.49 -24.34 10.08
N LEU A 120 -3.62 -24.25 11.40
CA LEU A 120 -2.83 -23.29 12.14
C LEU A 120 -1.35 -23.53 11.96
N ASN A 121 -0.91 -24.80 12.02
CA ASN A 121 0.52 -25.07 11.85
C ASN A 121 1.00 -24.82 10.43
N TYR A 122 0.18 -25.16 9.44
CA TYR A 122 0.53 -24.86 8.05
C TYR A 122 0.71 -23.34 7.87
N ILE A 123 -0.26 -22.57 8.36
CA ILE A 123 -0.18 -21.13 8.25
C ILE A 123 1.07 -20.60 8.96
N ALA A 124 1.33 -21.09 10.17
CA ALA A 124 2.51 -20.63 10.90
C ALA A 124 3.83 -20.93 10.19
N THR A 125 3.99 -22.19 9.80
CA THR A 125 5.27 -22.67 9.29
C THR A 125 5.51 -22.43 7.81
N GLU A 126 4.44 -22.55 7.03
CA GLU A 126 4.57 -22.52 5.57
C GLU A 126 4.28 -21.11 5.06
N LEU A 127 3.28 -20.42 5.63
CA LEU A 127 2.91 -19.09 5.11
C LEU A 127 3.60 -17.96 5.87
N HIS A 128 3.34 -17.83 7.16
CA HIS A 128 3.95 -16.78 7.97
C HIS A 128 5.48 -16.82 7.83
N LYS A 129 6.09 -17.94 8.18
CA LYS A 129 7.54 -18.05 8.08
C LYS A 129 8.01 -18.12 6.64
N GLY A 130 7.10 -18.44 5.73
CA GLY A 130 7.39 -18.34 4.32
C GLY A 130 7.62 -16.92 3.82
N PHE A 131 6.83 -15.99 4.35
CA PHE A 131 7.00 -14.54 4.09
C PHE A 131 8.18 -13.89 4.84
N THR A 132 8.55 -14.44 5.99
CA THR A 132 9.54 -13.81 6.86
C THR A 132 10.79 -13.23 6.15
N PRO A 133 11.43 -13.98 5.26
CA PRO A 133 12.62 -13.45 4.61
C PRO A 133 12.39 -12.15 3.85
N LEU A 134 11.17 -11.91 3.38
CA LEU A 134 10.91 -10.69 2.63
C LEU A 134 10.85 -9.47 3.58
N PHE A 135 10.72 -9.73 4.87
CA PHE A 135 10.63 -8.64 5.88
C PHE A 135 11.90 -8.41 6.71
N ARG A 136 12.92 -9.23 6.50
CA ARG A 136 14.14 -9.16 7.29
C ARG A 136 15.28 -8.47 6.58
N PRO A 137 16.11 -7.74 7.35
CA PRO A 137 17.21 -7.00 6.78
C PRO A 137 18.46 -7.83 6.43
N ASP A 138 18.51 -9.10 6.85
CA ASP A 138 19.64 -9.97 6.57
C ASP A 138 19.40 -10.83 5.33
N THR A 139 18.24 -10.70 4.70
CA THR A 139 17.96 -11.41 3.41
C THR A 139 18.64 -10.76 2.17
N PRO A 140 19.46 -11.54 1.43
CA PRO A 140 20.08 -11.03 0.20
C PRO A 140 19.02 -10.78 -0.88
N GLU A 141 19.19 -9.71 -1.67
CA GLU A 141 18.22 -9.39 -2.71
C GLU A 141 18.01 -10.54 -3.70
N GLU A 142 19.09 -11.27 -4.01
CA GLU A 142 19.06 -12.38 -4.98
C GLU A 142 18.17 -13.55 -4.54
N TYR A 143 17.94 -13.69 -3.24
CA TYR A 143 17.11 -14.75 -2.68
C TYR A 143 15.62 -14.42 -2.69
N LYS A 144 15.27 -13.14 -2.84
CA LYS A 144 13.85 -12.78 -2.75
C LYS A 144 12.98 -13.40 -3.89
N PRO A 145 13.46 -13.38 -5.14
CA PRO A 145 12.66 -14.06 -6.16
C PRO A 145 12.40 -15.54 -5.84
N THR A 146 13.38 -16.19 -5.23
CA THR A 146 13.23 -17.59 -4.85
C THR A 146 12.11 -17.74 -3.82
N VAL A 147 12.13 -16.85 -2.83
CA VAL A 147 11.16 -16.88 -1.78
C VAL A 147 9.78 -16.60 -2.35
N ARG A 148 9.69 -15.61 -3.21
CA ARG A 148 8.41 -15.24 -3.80
C ARG A 148 7.84 -16.42 -4.63
N ALA A 149 8.71 -17.12 -5.36
CA ALA A 149 8.28 -18.32 -6.10
C ALA A 149 7.74 -19.44 -5.18
N GLN A 150 8.36 -19.63 -4.02
CA GLN A 150 7.88 -20.58 -3.04
C GLN A 150 6.48 -20.20 -2.62
N LEU A 151 6.30 -18.91 -2.30
CA LEU A 151 5.01 -18.43 -1.88
C LEU A 151 3.93 -18.53 -2.98
N ASP A 152 4.29 -18.27 -4.24
CA ASP A 152 3.34 -18.40 -5.33
C ASP A 152 2.72 -19.82 -5.36
N LYS A 153 3.58 -20.82 -5.14
CA LYS A 153 3.16 -22.22 -5.12
C LYS A 153 2.23 -22.49 -3.94
N LYS A 154 2.56 -21.97 -2.76
CA LYS A 154 1.75 -22.18 -1.58
C LYS A 154 0.38 -21.51 -1.73
N LEU A 155 0.34 -20.35 -2.36
CA LEU A 155 -0.96 -19.70 -2.57
C LEU A 155 -1.88 -20.47 -3.54
N GLN A 156 -1.30 -21.19 -4.52
CA GLN A 156 -2.14 -22.06 -5.34
C GLN A 156 -2.81 -23.16 -4.50
N TYR A 157 -2.06 -23.73 -3.56
CA TYR A 157 -2.58 -24.75 -2.65
C TYR A 157 -3.69 -24.16 -1.75
N VAL A 158 -3.45 -22.99 -1.17
CA VAL A 158 -4.47 -22.36 -0.34
C VAL A 158 -5.73 -22.06 -1.13
N ASN A 159 -5.56 -21.57 -2.35
CA ASN A 159 -6.71 -21.21 -3.17
C ASN A 159 -7.59 -22.43 -3.44
N GLU A 160 -6.95 -23.57 -3.70
CA GLU A 160 -7.65 -24.83 -3.89
C GLU A 160 -8.37 -25.26 -2.61
N ALA A 161 -7.68 -25.14 -1.46
CA ALA A 161 -8.32 -25.44 -0.17
C ALA A 161 -9.55 -24.57 0.09
N LEU A 162 -9.62 -23.41 -0.54
CA LEU A 162 -10.75 -22.52 -0.32
C LEU A 162 -11.84 -22.65 -1.40
N LYS A 163 -11.82 -23.73 -2.16
CA LYS A 163 -12.73 -23.82 -3.30
C LYS A 163 -14.24 -23.88 -2.96
N ASP A 164 -14.59 -24.34 -1.76
CA ASP A 164 -16.02 -24.43 -1.38
C ASP A 164 -16.54 -23.04 -0.95
N GLU A 165 -15.61 -22.12 -0.74
CA GLU A 165 -15.91 -20.73 -0.46
C GLU A 165 -16.77 -20.57 0.79
N HIS A 166 -16.37 -21.27 1.84
CA HIS A 166 -16.88 -21.00 3.19
C HIS A 166 -15.70 -20.53 4.04
N TRP A 167 -15.29 -21.28 5.06
CA TRP A 167 -14.10 -20.93 5.84
C TRP A 167 -13.01 -21.98 5.59
N ILE A 168 -11.81 -21.76 6.13
CA ILE A 168 -10.68 -22.64 5.83
C ILE A 168 -10.93 -24.05 6.35
N CYS A 169 -11.66 -24.19 7.46
CA CYS A 169 -11.96 -25.52 8.01
C CYS A 169 -13.33 -26.06 7.61
N GLY A 170 -13.97 -25.41 6.64
CA GLY A 170 -15.31 -25.81 6.22
C GLY A 170 -16.38 -24.83 6.66
N GLN A 171 -17.43 -25.34 7.32
CA GLN A 171 -18.61 -24.52 7.61
C GLN A 171 -18.46 -23.51 8.77
N ARG A 172 -17.54 -23.73 9.71
CA ARG A 172 -17.44 -22.86 10.87
C ARG A 172 -16.21 -21.95 10.83
N PHE A 173 -16.42 -20.67 11.15
CA PHE A 173 -15.32 -19.75 11.37
C PHE A 173 -14.50 -20.18 12.58
N THR A 174 -13.18 -20.24 12.36
CA THR A 174 -12.25 -20.60 13.43
C THR A 174 -11.08 -19.63 13.54
N ILE A 175 -10.28 -19.86 14.58
CA ILE A 175 -9.01 -19.18 14.70
C ILE A 175 -8.12 -19.37 13.49
N ALA A 176 -8.21 -20.51 12.76
CA ALA A 176 -7.42 -20.60 11.55
C ALA A 176 -7.76 -19.54 10.51
N ASP A 177 -9.03 -19.11 10.45
CA ASP A 177 -9.40 -18.06 9.49
C ASP A 177 -8.76 -16.72 9.87
N ALA A 178 -8.74 -16.40 11.16
CA ALA A 178 -8.10 -15.17 11.63
C ALA A 178 -6.60 -15.12 11.22
N TYR A 179 -5.90 -16.24 11.40
CA TYR A 179 -4.49 -16.32 11.09
C TYR A 179 -4.31 -16.29 9.58
N LEU A 180 -5.07 -17.09 8.82
CA LEU A 180 -4.88 -17.10 7.37
C LEU A 180 -5.07 -15.71 6.74
N PHE A 181 -6.11 -15.00 7.17
CA PHE A 181 -6.40 -13.64 6.72
C PHE A 181 -5.21 -12.67 6.99
N THR A 182 -4.67 -12.73 8.21
CA THR A 182 -3.58 -11.87 8.61
C THR A 182 -2.44 -12.09 7.66
N VAL A 183 -2.08 -13.35 7.40
CA VAL A 183 -0.89 -13.58 6.60
C VAL A 183 -1.17 -13.30 5.12
N LEU A 184 -2.36 -13.61 4.63
CA LEU A 184 -2.66 -13.34 3.21
C LEU A 184 -2.66 -11.83 2.90
N ARG A 185 -2.94 -10.98 3.89
N ARG A 185 -2.93 -10.99 3.90
CA ARG A 185 -2.83 -9.54 3.69
CA ARG A 185 -2.81 -9.55 3.69
C ARG A 185 -1.41 -9.17 3.21
C ARG A 185 -1.42 -9.19 3.19
N TRP A 186 -0.42 -9.93 3.67
CA TRP A 186 0.96 -9.69 3.29
C TRP A 186 1.18 -9.97 1.82
N ALA A 187 0.40 -10.89 1.26
CA ALA A 187 0.52 -11.17 -0.18
C ALA A 187 0.23 -9.91 -1.02
N TYR A 188 -0.68 -9.07 -0.55
CA TYR A 188 -1.01 -7.81 -1.19
C TYR A 188 0.06 -6.75 -0.91
N ALA A 189 0.57 -6.74 0.33
CA ALA A 189 1.64 -5.83 0.73
C ALA A 189 2.93 -5.97 -0.08
N VAL A 190 3.29 -7.18 -0.48
CA VAL A 190 4.53 -7.40 -1.21
C VAL A 190 4.27 -7.59 -2.70
N LYS A 191 3.01 -7.41 -3.11
CA LYS A 191 2.63 -7.46 -4.52
C LYS A 191 2.93 -8.78 -5.21
N LEU A 192 2.55 -9.89 -4.58
CA LEU A 192 2.53 -11.17 -5.25
C LEU A 192 1.45 -11.12 -6.35
N ASN A 193 1.60 -11.91 -7.39
CA ASN A 193 0.57 -11.98 -8.42
C ASN A 193 -0.54 -12.92 -7.97
N LEU A 194 -1.72 -12.35 -7.70
CA LEU A 194 -2.83 -13.13 -7.19
C LEU A 194 -3.91 -13.36 -8.26
N GLU A 195 -3.55 -13.17 -9.52
CA GLU A 195 -4.47 -13.47 -10.62
C GLU A 195 -4.84 -14.96 -10.65
N GLY A 196 -6.12 -15.25 -10.83
CA GLY A 196 -6.58 -16.63 -10.93
C GLY A 196 -6.77 -17.28 -9.57
N LEU A 197 -6.57 -16.51 -8.50
CA LEU A 197 -6.79 -17.03 -7.15
C LEU A 197 -8.11 -16.48 -6.60
N GLU A 198 -9.20 -16.83 -7.28
CA GLU A 198 -10.52 -16.29 -7.00
C GLU A 198 -11.10 -16.73 -5.66
N HIS A 199 -10.72 -17.91 -5.18
CA HIS A 199 -11.21 -18.39 -3.88
C HIS A 199 -10.57 -17.61 -2.74
N ILE A 200 -9.28 -17.32 -2.87
CA ILE A 200 -8.64 -16.39 -1.94
C ILE A 200 -9.33 -15.03 -1.94
N ALA A 201 -9.55 -14.47 -3.12
CA ALA A 201 -10.24 -13.18 -3.20
C ALA A 201 -11.58 -13.22 -2.44
N ALA A 202 -12.36 -14.26 -2.68
CA ALA A 202 -13.67 -14.39 -2.04
C ALA A 202 -13.50 -14.44 -0.52
N PHE A 203 -12.52 -15.22 -0.07
CA PHE A 203 -12.24 -15.39 1.34
C PHE A 203 -11.86 -14.06 2.00
N MET A 204 -11.02 -13.27 1.35
CA MET A 204 -10.59 -11.99 1.92
C MET A 204 -11.80 -11.06 2.07
N GLN A 205 -12.67 -11.04 1.07
CA GLN A 205 -13.89 -10.25 1.14
C GLN A 205 -14.80 -10.72 2.28
N ARG A 206 -15.00 -12.03 2.38
CA ARG A 206 -15.84 -12.56 3.45
C ARG A 206 -15.32 -12.20 4.84
N MET A 207 -14.00 -12.25 5.02
CA MET A 207 -13.42 -11.85 6.31
C MET A 207 -13.63 -10.36 6.61
N ALA A 208 -13.42 -9.52 5.62
CA ALA A 208 -13.54 -8.07 5.81
C ALA A 208 -14.99 -7.67 6.14
N GLU A 209 -15.94 -8.57 5.86
CA GLU A 209 -17.33 -8.32 6.22
C GLU A 209 -17.67 -8.71 7.67
N ARG A 210 -16.77 -9.39 8.37
CA ARG A 210 -17.03 -9.70 9.79
C ARG A 210 -16.79 -8.44 10.62
N PRO A 211 -17.76 -8.06 11.48
CA PRO A 211 -17.59 -6.84 12.27
C PRO A 211 -16.36 -6.86 13.19
N GLU A 212 -16.06 -7.99 13.84
CA GLU A 212 -14.92 -8.03 14.75
C GLU A 212 -13.62 -7.85 13.96
N VAL A 213 -13.63 -8.30 12.71
CA VAL A 213 -12.44 -8.12 11.84
C VAL A 213 -12.28 -6.62 11.46
N GLN A 214 -13.36 -6.02 10.97
CA GLN A 214 -13.37 -4.59 10.69
C GLN A 214 -12.90 -3.80 11.90
N ASP A 215 -13.39 -4.17 13.09
CA ASP A 215 -13.00 -3.44 14.31
C ASP A 215 -11.51 -3.57 14.62
N ALA A 216 -10.94 -4.78 14.43
CA ALA A 216 -9.48 -4.93 14.60
C ALA A 216 -8.70 -4.11 13.58
N LEU A 217 -9.08 -4.14 12.31
CA LEU A 217 -8.37 -3.36 11.31
C LEU A 217 -8.39 -1.86 11.62
N SER A 218 -9.56 -1.37 12.00
CA SER A 218 -9.73 0.05 12.34
C SER A 218 -8.82 0.42 13.50
N ALA A 219 -8.78 -0.44 14.50
CA ALA A 219 -8.03 -0.14 15.70
C ALA A 219 -6.54 -0.13 15.42
N GLU A 220 -6.10 -0.89 14.40
CA GLU A 220 -4.69 -0.91 14.01
C GLU A 220 -4.34 0.15 12.97
N GLY A 221 -5.33 0.90 12.53
CA GLY A 221 -5.15 1.92 11.53
C GLY A 221 -5.00 1.36 10.14
N LEU A 222 -5.48 0.13 9.94
CA LEU A 222 -5.41 -0.51 8.65
C LEU A 222 -6.68 -0.22 7.85
N MET B 23 -2.44 -47.54 12.96
CA MET B 23 -2.20 -46.25 12.24
C MET B 23 -0.96 -46.42 11.38
N LYS B 24 -0.85 -45.63 10.32
CA LYS B 24 0.37 -45.57 9.51
C LYS B 24 1.03 -44.20 9.61
N LEU B 25 2.31 -44.18 9.94
CA LEU B 25 3.10 -42.94 9.93
C LEU B 25 3.99 -42.92 8.68
N PHE B 26 3.71 -41.96 7.80
CA PHE B 26 4.60 -41.70 6.65
C PHE B 26 5.81 -40.92 7.14
N TYR B 27 7.01 -41.44 6.89
CA TYR B 27 8.21 -40.87 7.52
C TYR B 27 9.44 -40.95 6.64
N LYS B 28 10.48 -40.20 7.00
CA LYS B 28 11.81 -40.36 6.46
C LYS B 28 12.81 -40.37 7.62
N PRO B 29 13.76 -41.30 7.64
CA PRO B 29 14.69 -41.37 8.77
C PRO B 29 15.34 -40.02 9.15
N GLY B 30 15.21 -39.65 10.42
CA GLY B 30 15.81 -38.44 10.95
C GLY B 30 15.11 -37.14 10.60
N ALA B 31 14.11 -37.19 9.74
CA ALA B 31 13.34 -35.98 9.41
C ALA B 31 12.43 -35.57 10.60
N CYS B 32 11.66 -34.50 10.40
CA CYS B 32 10.86 -33.97 11.50
C CYS B 32 9.84 -35.01 11.95
N SER B 33 9.49 -35.99 11.09
CA SER B 33 8.54 -37.04 11.42
C SER B 33 9.03 -37.90 12.59
N LEU B 34 10.32 -37.82 12.95
CA LEU B 34 10.81 -38.55 14.11
C LEU B 34 10.08 -38.10 15.37
N ALA B 35 9.69 -36.85 15.45
CA ALA B 35 8.98 -36.41 16.66
C ALA B 35 7.62 -37.05 16.81
N SER B 36 6.90 -37.17 15.70
CA SER B 36 5.61 -37.86 15.71
C SER B 36 5.82 -39.36 16.01
N HIS B 37 6.90 -39.92 15.48
CA HIS B 37 7.24 -41.33 15.72
C HIS B 37 7.51 -41.58 17.21
N ILE B 38 8.34 -40.72 17.80
CA ILE B 38 8.59 -40.81 19.25
C ILE B 38 7.25 -40.68 20.00
N THR B 39 6.40 -39.75 19.61
CA THR B 39 5.11 -39.54 20.26
C THR B 39 4.19 -40.76 20.15
N LEU B 40 4.17 -41.41 18.99
CA LEU B 40 3.41 -42.65 18.89
C LEU B 40 3.85 -43.72 19.90
N ARG B 41 5.15 -43.88 20.06
CA ARG B 41 5.69 -44.85 20.98
C ARG B 41 5.39 -44.42 22.41
N GLU B 42 5.62 -43.15 22.72
CA GLU B 42 5.35 -42.70 24.10
C GLU B 42 3.87 -42.79 24.45
N SER B 43 3.01 -42.70 23.45
CA SER B 43 1.56 -42.79 23.61
C SER B 43 1.02 -44.25 23.64
N GLY B 44 1.90 -45.22 23.37
CA GLY B 44 1.51 -46.63 23.44
C GLY B 44 0.62 -47.13 22.32
N LYS B 45 0.73 -46.51 21.13
CA LYS B 45 -0.15 -46.79 20.00
C LYS B 45 0.35 -47.92 19.15
N ASP B 46 -0.58 -48.61 18.50
N ASP B 46 -0.58 -48.61 18.50
CA ASP B 46 -0.22 -49.55 17.47
CA ASP B 46 -0.24 -49.57 17.48
C ASP B 46 -0.14 -48.80 16.15
C ASP B 46 -0.16 -48.85 16.13
N PHE B 47 1.01 -48.86 15.51
CA PHE B 47 1.21 -48.15 14.26
C PHE B 47 2.21 -48.91 13.39
N THR B 48 2.24 -48.58 12.10
CA THR B 48 3.27 -49.08 11.21
C THR B 48 3.96 -47.88 10.58
N LEU B 49 5.23 -48.06 10.23
CA LEU B 49 6.00 -47.04 9.56
C LEU B 49 5.98 -47.28 8.08
N VAL B 50 5.73 -46.21 7.32
CA VAL B 50 5.75 -46.28 5.87
C VAL B 50 6.80 -45.28 5.38
N SER B 51 7.92 -45.78 4.90
N SER B 51 7.92 -45.79 4.87
CA SER B 51 8.96 -44.93 4.39
CA SER B 51 9.02 -44.97 4.36
C SER B 51 8.47 -44.26 3.12
C SER B 51 8.67 -44.32 3.04
N VAL B 52 8.89 -43.01 2.94
CA VAL B 52 8.60 -42.28 1.73
C VAL B 52 9.90 -41.86 1.09
N ASP B 53 9.98 -42.06 -0.23
CA ASP B 53 11.07 -41.55 -1.04
C ASP B 53 10.68 -40.14 -1.40
N LEU B 54 11.31 -39.18 -0.74
CA LEU B 54 10.91 -37.79 -0.90
C LEU B 54 11.61 -37.10 -2.10
N MET B 55 12.50 -37.80 -2.78
CA MET B 55 13.03 -37.24 -4.02
C MET B 55 12.04 -37.56 -5.15
N LYS B 56 11.59 -38.82 -5.23
CA LYS B 56 10.64 -39.22 -6.27
C LYS B 56 9.19 -38.97 -5.86
N LYS B 57 8.98 -38.77 -4.56
CA LYS B 57 7.64 -38.71 -3.93
C LYS B 57 6.84 -40.00 -4.22
N ARG B 58 7.39 -41.11 -3.77
CA ARG B 58 6.84 -42.42 -4.04
C ARG B 58 6.88 -43.27 -2.78
N LEU B 59 5.86 -44.10 -2.65
CA LEU B 59 5.87 -45.20 -1.69
C LEU B 59 6.43 -46.47 -2.33
N GLU B 60 6.73 -47.46 -1.49
CA GLU B 60 7.28 -48.74 -1.95
C GLU B 60 6.31 -49.50 -2.86
N ASN B 61 5.01 -49.27 -2.70
CA ASN B 61 4.03 -49.90 -3.60
C ASN B 61 3.86 -49.14 -4.92
N GLY B 62 4.68 -48.10 -5.12
CA GLY B 62 4.70 -47.33 -6.36
C GLY B 62 3.74 -46.14 -6.41
N ASP B 63 2.91 -46.03 -5.39
CA ASP B 63 1.91 -44.97 -5.36
C ASP B 63 2.57 -43.59 -5.34
N ASP B 64 1.93 -42.64 -6.00
CA ASP B 64 2.38 -41.25 -5.93
C ASP B 64 2.02 -40.70 -4.57
N TYR B 65 3.03 -40.32 -3.80
CA TYR B 65 2.80 -39.79 -2.44
C TYR B 65 1.98 -38.50 -2.47
N PHE B 66 2.04 -37.75 -3.57
CA PHE B 66 1.23 -36.53 -3.69
C PHE B 66 -0.25 -36.86 -3.67
N SER B 67 -0.61 -38.09 -4.06
CA SER B 67 -2.01 -38.54 -3.88
C SER B 67 -2.40 -38.83 -2.41
N VAL B 68 -1.42 -38.96 -1.52
CA VAL B 68 -1.69 -39.22 -0.13
C VAL B 68 -1.65 -37.87 0.61
N ASN B 69 -0.52 -37.16 0.52
CA ASN B 69 -0.36 -35.82 1.04
C ASN B 69 -0.04 -34.86 -0.09
N PRO B 70 -1.00 -34.03 -0.49
CA PRO B 70 -0.74 -33.10 -1.60
C PRO B 70 0.41 -32.16 -1.33
N LYS B 71 0.73 -31.89 -0.06
CA LYS B 71 1.90 -31.09 0.26
C LYS B 71 3.25 -31.81 0.06
N GLY B 72 3.20 -33.13 -0.12
CA GLY B 72 4.38 -33.92 -0.45
C GLY B 72 5.43 -34.01 0.62
N GLN B 73 5.02 -33.83 1.88
CA GLN B 73 5.93 -33.84 3.03
C GLN B 73 5.61 -34.94 4.05
N VAL B 74 6.60 -35.24 4.88
CA VAL B 74 6.40 -36.02 6.06
C VAL B 74 6.48 -35.07 7.26
N PRO B 75 5.84 -35.43 8.36
CA PRO B 75 4.97 -36.56 8.59
C PRO B 75 3.59 -36.44 8.03
N ALA B 76 2.99 -37.62 7.83
CA ALA B 76 1.54 -37.73 7.69
C ALA B 76 1.12 -38.94 8.48
N LEU B 77 -0.08 -38.91 9.05
CA LEU B 77 -0.60 -40.01 9.87
C LEU B 77 -1.95 -40.42 9.33
N LEU B 78 -2.03 -41.67 8.88
CA LEU B 78 -3.26 -42.20 8.35
C LEU B 78 -3.95 -43.01 9.45
N LEU B 79 -5.17 -42.59 9.77
CA LEU B 79 -6.02 -43.30 10.73
C LEU B 79 -6.76 -44.43 10.02
N ASP B 80 -7.14 -45.46 10.77
CA ASP B 80 -7.75 -46.65 10.16
C ASP B 80 -9.08 -46.34 9.45
N ASP B 81 -9.73 -45.25 9.86
CA ASP B 81 -10.96 -44.83 9.19
C ASP B 81 -10.67 -44.07 7.90
N GLY B 82 -9.38 -43.84 7.61
CA GLY B 82 -8.98 -43.25 6.34
C GLY B 82 -8.70 -41.76 6.46
N THR B 83 -8.85 -41.23 7.66
CA THR B 83 -8.56 -39.82 7.86
C THR B 83 -7.05 -39.59 7.82
N LEU B 84 -6.58 -38.65 7.00
CA LEU B 84 -5.15 -38.33 6.91
C LEU B 84 -4.87 -37.03 7.64
N LEU B 85 -4.02 -37.11 8.64
CA LEU B 85 -3.65 -35.92 9.43
C LEU B 85 -2.21 -35.60 9.08
N THR B 86 -1.97 -34.32 8.71
CA THR B 86 -0.63 -33.82 8.43
C THR B 86 -0.31 -32.73 9.49
N GLU B 87 0.94 -32.25 9.40
CA GLU B 87 1.51 -31.24 10.32
C GLU B 87 1.87 -31.91 11.63
N GLY B 88 3.15 -31.99 11.88
CA GLY B 88 3.63 -32.71 13.05
C GLY B 88 3.04 -32.23 14.38
N VAL B 89 2.96 -30.92 14.56
CA VAL B 89 2.35 -30.33 15.76
C VAL B 89 0.91 -30.82 15.92
N ALA B 90 0.14 -30.89 14.84
CA ALA B 90 -1.24 -31.37 14.93
C ALA B 90 -1.28 -32.87 15.29
N ILE B 91 -0.49 -33.69 14.58
CA ILE B 91 -0.37 -35.09 14.85
C ILE B 91 -0.03 -35.37 16.33
N MET B 92 0.95 -34.64 16.85
CA MET B 92 1.40 -34.84 18.23
C MET B 92 0.32 -34.47 19.27
N GLN B 93 -0.44 -33.41 19.03
CA GLN B 93 -1.55 -33.04 19.95
C GLN B 93 -2.67 -34.09 19.91
N TYR B 94 -2.98 -34.57 18.72
CA TYR B 94 -4.05 -35.57 18.56
C TYR B 94 -3.70 -36.83 19.38
N LEU B 95 -2.45 -37.24 19.27
CA LEU B 95 -1.98 -38.42 19.98
C LEU B 95 -1.95 -38.18 21.50
N ALA B 96 -1.35 -37.07 21.90
CA ALA B 96 -1.24 -36.78 23.34
C ALA B 96 -2.60 -36.64 23.99
N ASP B 97 -3.56 -36.01 23.32
CA ASP B 97 -4.86 -35.81 23.96
C ASP B 97 -5.61 -37.14 24.13
N SER B 98 -5.22 -38.16 23.35
CA SER B 98 -5.90 -39.43 23.42
C SER B 98 -5.45 -40.25 24.64
N VAL B 99 -4.34 -39.85 25.24
CA VAL B 99 -3.78 -40.55 26.37
C VAL B 99 -3.43 -39.56 27.51
N PRO B 100 -4.47 -38.89 28.02
CA PRO B 100 -4.25 -37.83 29.01
C PRO B 100 -3.46 -38.28 30.26
N ASP B 101 -3.69 -39.50 30.73
CA ASP B 101 -2.95 -39.95 31.91
C ASP B 101 -1.44 -40.05 31.70
N ARG B 102 -0.98 -40.03 30.44
CA ARG B 102 0.45 -40.06 30.22
C ARG B 102 1.09 -38.69 30.36
N GLN B 103 0.24 -37.65 30.42
CA GLN B 103 0.71 -36.29 30.66
C GLN B 103 1.69 -35.76 29.60
N LEU B 104 1.49 -36.21 28.36
CA LEU B 104 2.28 -35.72 27.24
C LEU B 104 1.81 -34.31 26.79
N LEU B 105 0.60 -33.97 27.17
CA LEU B 105 0.04 -32.64 26.98
C LEU B 105 -1.00 -32.42 28.07
N ALA B 106 -0.90 -31.29 28.76
CA ALA B 106 -1.76 -31.00 29.89
C ALA B 106 -3.18 -30.68 29.40
N PRO B 107 -4.17 -30.76 30.28
CA PRO B 107 -5.56 -30.56 29.89
C PRO B 107 -5.87 -29.14 29.43
N VAL B 108 -6.92 -28.98 28.63
CA VAL B 108 -7.40 -27.66 28.25
C VAL B 108 -7.65 -26.81 29.50
N ASN B 109 -7.36 -25.52 29.36
CA ASN B 109 -7.48 -24.54 30.43
C ASN B 109 -6.57 -24.78 31.64
N SER B 110 -5.42 -25.41 31.40
CA SER B 110 -4.33 -25.43 32.37
C SER B 110 -3.22 -24.62 31.71
N ILE B 111 -2.55 -23.76 32.47
CA ILE B 111 -1.54 -22.94 31.84
C ILE B 111 -0.45 -23.82 31.29
N SER B 112 -0.25 -24.98 31.94
CA SER B 112 0.78 -25.91 31.51
C SER B 112 0.58 -26.30 30.04
N ARG B 113 -0.66 -26.47 29.63
CA ARG B 113 -0.95 -26.87 28.25
C ARG B 113 -0.47 -25.82 27.27
N TYR B 114 -0.75 -24.55 27.56
CA TYR B 114 -0.39 -23.47 26.63
C TYR B 114 1.13 -23.23 26.58
N LYS B 115 1.81 -23.45 27.70
CA LYS B 115 3.26 -23.39 27.71
C LYS B 115 3.83 -24.48 26.79
N THR B 116 3.25 -25.68 26.80
CA THR B 116 3.70 -26.73 25.87
C THR B 116 3.39 -26.34 24.43
N ILE B 117 2.21 -25.76 24.20
CA ILE B 117 1.85 -25.36 22.85
C ILE B 117 2.75 -24.21 22.34
N GLU B 118 3.07 -23.32 23.26
CA GLU B 118 4.02 -22.22 23.00
C GLU B 118 5.37 -22.80 22.52
N TRP B 119 5.91 -23.76 23.27
CA TRP B 119 7.17 -24.41 22.87
C TRP B 119 7.03 -25.15 21.53
N LEU B 120 5.91 -25.84 21.33
CA LEU B 120 5.70 -26.52 20.06
C LEU B 120 5.76 -25.53 18.91
N ASN B 121 5.11 -24.36 19.07
CA ASN B 121 5.10 -23.38 17.98
C ASN B 121 6.45 -22.73 17.77
N TYR B 122 7.17 -22.47 18.86
CA TYR B 122 8.55 -21.95 18.76
C TYR B 122 9.43 -22.97 18.00
N ILE B 123 9.34 -24.24 18.37
CA ILE B 123 10.15 -25.25 17.71
C ILE B 123 9.77 -25.35 16.25
N ALA B 124 8.47 -25.36 15.94
CA ALA B 124 8.07 -25.44 14.53
C ALA B 124 8.52 -24.28 13.68
N THR B 125 8.26 -23.05 14.15
CA THR B 125 8.46 -21.85 13.35
C THR B 125 9.89 -21.30 13.39
N GLU B 126 10.54 -21.37 14.55
CA GLU B 126 11.84 -20.75 14.74
C GLU B 126 12.99 -21.75 14.56
N LEU B 127 12.81 -22.98 15.03
CA LEU B 127 13.89 -24.00 14.92
C LEU B 127 13.76 -24.85 13.65
N HIS B 128 12.69 -25.59 13.54
CA HIS B 128 12.46 -26.47 12.38
C HIS B 128 12.56 -25.62 11.08
N LYS B 129 11.70 -24.61 10.93
CA LYS B 129 11.79 -23.76 9.74
C LYS B 129 13.02 -22.89 9.68
N GLY B 130 13.69 -22.71 10.82
CA GLY B 130 14.97 -22.05 10.86
C GLY B 130 16.05 -22.86 10.17
N PHE B 131 15.98 -24.18 10.28
CA PHE B 131 16.94 -25.08 9.61
C PHE B 131 16.61 -25.33 8.14
N THR B 132 15.34 -25.20 7.79
CA THR B 132 14.89 -25.64 6.47
C THR B 132 15.77 -25.16 5.30
N PRO B 133 16.18 -23.88 5.27
CA PRO B 133 17.01 -23.43 4.13
C PRO B 133 18.32 -24.24 3.93
N LEU B 134 18.86 -24.79 5.01
CA LEU B 134 20.08 -25.53 4.92
C LEU B 134 19.85 -26.89 4.24
N PHE B 135 18.59 -27.31 4.13
CA PHE B 135 18.27 -28.62 3.55
C PHE B 135 17.66 -28.51 2.15
N ARG B 136 17.39 -27.30 1.69
CA ARG B 136 16.78 -27.10 0.39
C ARG B 136 17.75 -26.82 -0.74
N PRO B 137 17.42 -27.34 -1.93
CA PRO B 137 18.28 -27.09 -3.06
C PRO B 137 18.15 -25.71 -3.69
N ASP B 138 17.16 -24.90 -3.31
CA ASP B 138 17.03 -23.55 -3.87
C ASP B 138 17.75 -22.48 -3.02
N THR B 139 18.38 -22.89 -1.92
CA THR B 139 19.13 -21.91 -1.07
C THR B 139 20.52 -21.55 -1.63
N PRO B 140 20.76 -20.26 -1.88
CA PRO B 140 22.10 -19.86 -2.35
C PRO B 140 23.17 -20.05 -1.27
N GLU B 141 24.35 -20.50 -1.66
CA GLU B 141 25.42 -20.75 -0.71
C GLU B 141 25.71 -19.57 0.20
N GLU B 142 25.62 -18.37 -0.36
CA GLU B 142 26.01 -17.16 0.37
C GLU B 142 25.04 -16.89 1.52
N TYR B 143 23.84 -17.47 1.45
CA TYR B 143 22.84 -17.21 2.47
C TYR B 143 23.00 -18.18 3.62
N LYS B 144 23.76 -19.25 3.40
CA LYS B 144 23.85 -20.27 4.42
C LYS B 144 24.51 -19.77 5.72
N PRO B 145 25.57 -18.96 5.63
CA PRO B 145 26.16 -18.42 6.87
C PRO B 145 25.17 -17.57 7.66
N THR B 146 24.31 -16.85 6.95
CA THR B 146 23.30 -16.02 7.59
C THR B 146 22.32 -16.85 8.41
N VAL B 147 21.87 -17.95 7.80
CA VAL B 147 20.93 -18.85 8.40
C VAL B 147 21.56 -19.50 9.62
N ARG B 148 22.82 -19.88 9.49
CA ARG B 148 23.53 -20.56 10.57
C ARG B 148 23.69 -19.58 11.76
N ALA B 149 23.97 -18.31 11.48
CA ALA B 149 24.03 -17.28 12.54
C ALA B 149 22.70 -17.07 13.28
N GLN B 150 21.58 -17.08 12.54
CA GLN B 150 20.25 -17.03 13.13
C GLN B 150 20.05 -18.20 14.07
N LEU B 151 20.43 -19.40 13.60
CA LEU B 151 20.31 -20.59 14.42
C LEU B 151 21.21 -20.55 15.66
N ASP B 152 22.43 -20.00 15.52
CA ASP B 152 23.34 -19.90 16.65
C ASP B 152 22.66 -19.12 17.80
N LYS B 153 21.98 -18.03 17.45
CA LYS B 153 21.34 -17.16 18.45
C LYS B 153 20.17 -17.91 19.08
N LYS B 154 19.41 -18.63 18.25
CA LYS B 154 18.25 -19.42 18.75
C LYS B 154 18.69 -20.53 19.70
N LEU B 155 19.82 -21.15 19.41
CA LEU B 155 20.33 -22.19 20.32
C LEU B 155 20.81 -21.65 21.69
N GLN B 156 21.29 -20.41 21.77
CA GLN B 156 21.64 -19.81 23.06
C GLN B 156 20.38 -19.65 23.90
N TYR B 157 19.30 -19.22 23.25
CA TYR B 157 17.98 -19.07 23.90
C TYR B 157 17.48 -20.44 24.41
N VAL B 158 17.52 -21.45 23.57
CA VAL B 158 17.08 -22.78 23.99
C VAL B 158 17.94 -23.30 25.14
N ASN B 159 19.23 -23.07 25.05
CA ASN B 159 20.13 -23.54 26.09
C ASN B 159 19.76 -22.95 27.46
N GLU B 160 19.45 -21.66 27.46
CA GLU B 160 19.03 -20.97 28.68
C GLU B 160 17.70 -21.52 29.19
N ALA B 161 16.76 -21.80 28.27
CA ALA B 161 15.49 -22.40 28.64
C ALA B 161 15.65 -23.77 29.32
N LEU B 162 16.76 -24.43 29.04
CA LEU B 162 17.02 -25.75 29.61
C LEU B 162 17.91 -25.71 30.87
N LYS B 163 18.06 -24.53 31.48
CA LYS B 163 19.04 -24.38 32.56
C LYS B 163 18.75 -25.20 33.82
N ASP B 164 17.48 -25.55 34.07
CA ASP B 164 17.14 -26.37 35.24
C ASP B 164 17.38 -27.87 34.99
N GLU B 165 17.67 -28.22 33.74
CA GLU B 165 18.06 -29.56 33.37
C GLU B 165 17.02 -30.63 33.72
N HIS B 166 15.76 -30.29 33.51
CA HIS B 166 14.71 -31.29 33.51
C HIS B 166 14.19 -31.47 32.07
N TRP B 167 12.94 -31.12 31.78
CA TRP B 167 12.42 -31.15 30.40
C TRP B 167 12.11 -29.72 29.94
N ILE B 168 11.71 -29.52 28.69
CA ILE B 168 11.58 -28.14 28.16
C ILE B 168 10.43 -27.40 28.82
N CYS B 169 9.42 -28.13 29.31
CA CYS B 169 8.29 -27.50 30.02
C CYS B 169 8.39 -27.70 31.52
N GLY B 170 9.58 -28.07 31.99
CA GLY B 170 9.78 -28.24 33.42
C GLY B 170 9.86 -29.70 33.85
N GLN B 171 9.05 -30.08 34.84
CA GLN B 171 9.19 -31.37 35.44
C GLN B 171 8.64 -32.56 34.63
N ARG B 172 7.68 -32.34 33.72
CA ARG B 172 7.12 -33.49 33.00
C ARG B 172 7.57 -33.51 31.55
N PHE B 173 7.83 -34.74 31.07
CA PHE B 173 8.12 -34.97 29.67
C PHE B 173 6.86 -34.72 28.86
N THR B 174 7.01 -34.02 27.74
CA THR B 174 5.88 -33.69 26.88
C THR B 174 6.23 -33.85 25.43
N ILE B 175 5.21 -33.73 24.59
CA ILE B 175 5.43 -33.72 23.15
C ILE B 175 6.41 -32.63 22.75
N ALA B 176 6.52 -31.53 23.51
CA ALA B 176 7.52 -30.56 23.12
C ALA B 176 8.94 -31.08 23.15
N ASP B 177 9.23 -31.98 24.10
CA ASP B 177 10.57 -32.57 24.22
C ASP B 177 10.89 -33.45 23.01
N ALA B 178 9.88 -34.22 22.59
CA ALA B 178 10.01 -35.08 21.38
C ALA B 178 10.39 -34.23 20.17
N TYR B 179 9.71 -33.10 20.01
CA TYR B 179 9.97 -32.24 18.87
C TYR B 179 11.33 -31.54 18.99
N LEU B 180 11.61 -30.94 20.16
CA LEU B 180 12.89 -30.25 20.38
C LEU B 180 14.09 -31.16 20.09
N PHE B 181 14.03 -32.40 20.58
CA PHE B 181 15.09 -33.39 20.38
C PHE B 181 15.28 -33.68 18.88
N THR B 182 14.18 -33.86 18.18
CA THR B 182 14.22 -34.15 16.75
C THR B 182 14.97 -33.03 16.05
N VAL B 183 14.62 -31.76 16.30
CA VAL B 183 15.25 -30.70 15.52
C VAL B 183 16.68 -30.45 15.99
N LEU B 184 16.95 -30.57 17.31
CA LEU B 184 18.32 -30.36 17.80
C LEU B 184 19.32 -31.37 17.22
N ARG B 185 18.85 -32.57 16.89
N ARG B 185 18.85 -32.57 16.89
CA ARG B 185 19.70 -33.54 16.22
CA ARG B 185 19.69 -33.54 16.19
C ARG B 185 20.26 -32.97 14.91
C ARG B 185 20.30 -32.90 14.95
N TRP B 186 19.53 -32.06 14.28
CA TRP B 186 19.99 -31.42 13.06
C TRP B 186 21.15 -30.47 13.32
N ALA B 187 21.21 -29.88 14.50
CA ALA B 187 22.35 -29.01 14.80
C ALA B 187 23.66 -29.80 14.71
N TYR B 188 23.62 -31.08 15.09
CA TYR B 188 24.81 -31.93 15.01
C TYR B 188 25.08 -32.33 13.55
N ALA B 189 24.00 -32.61 12.83
CA ALA B 189 24.05 -33.00 11.43
C ALA B 189 24.70 -31.92 10.54
N VAL B 190 24.45 -30.65 10.84
CA VAL B 190 25.03 -29.57 10.03
C VAL B 190 26.22 -28.88 10.72
N LYS B 191 26.65 -29.44 11.84
CA LYS B 191 27.89 -29.01 12.48
C LYS B 191 27.84 -27.54 12.88
N LEU B 192 26.75 -27.15 13.53
CA LEU B 192 26.75 -25.90 14.26
C LEU B 192 27.73 -26.08 15.41
N ASN B 193 28.28 -24.98 15.91
CA ASN B 193 29.12 -25.02 17.11
C ASN B 193 28.27 -24.99 18.36
N LEU B 194 28.28 -26.10 19.11
CA LEU B 194 27.47 -26.21 20.32
C LEU B 194 28.34 -26.09 21.57
N GLU B 195 29.54 -25.53 21.43
CA GLU B 195 30.37 -25.29 22.60
C GLU B 195 29.68 -24.30 23.52
N GLY B 196 29.74 -24.55 24.83
CA GLY B 196 29.15 -23.64 25.78
C GLY B 196 27.67 -23.84 25.96
N LEU B 197 27.09 -24.78 25.21
CA LEU B 197 25.68 -25.07 25.36
C LEU B 197 25.48 -26.40 26.11
N GLU B 198 25.83 -26.39 27.39
CA GLU B 198 25.88 -27.60 28.20
C GLU B 198 24.49 -28.08 28.61
N HIS B 199 23.53 -27.17 28.69
CA HIS B 199 22.16 -27.57 29.02
C HIS B 199 21.52 -28.34 27.86
N ILE B 200 21.81 -27.93 26.63
CA ILE B 200 21.38 -28.70 25.48
C ILE B 200 22.02 -30.08 25.50
N ALA B 201 23.31 -30.14 25.79
CA ALA B 201 23.99 -31.43 25.80
C ALA B 201 23.32 -32.39 26.77
N ALA B 202 23.01 -31.89 27.96
CA ALA B 202 22.40 -32.72 29.00
C ALA B 202 21.02 -33.17 28.57
N PHE B 203 20.26 -32.28 27.95
CA PHE B 203 18.93 -32.63 27.46
C PHE B 203 19.01 -33.75 26.42
N MET B 204 19.98 -33.66 25.51
CA MET B 204 20.08 -34.65 24.45
C MET B 204 20.36 -36.02 25.07
N GLN B 205 21.23 -36.04 26.07
CA GLN B 205 21.56 -37.29 26.75
C GLN B 205 20.35 -37.86 27.49
N ARG B 206 19.61 -37.00 28.19
N ARG B 206 19.61 -37.00 28.18
CA ARG B 206 18.43 -37.44 28.93
CA ARG B 206 18.44 -37.43 28.92
C ARG B 206 17.38 -38.03 28.00
C ARG B 206 17.41 -38.04 27.98
N MET B 207 17.25 -37.44 26.81
CA MET B 207 16.32 -37.96 25.83
C MET B 207 16.74 -39.34 25.34
N ALA B 208 18.03 -39.50 25.06
CA ALA B 208 18.51 -40.76 24.50
C ALA B 208 18.42 -41.88 25.54
N GLU B 209 18.18 -41.52 26.80
CA GLU B 209 18.02 -42.52 27.86
C GLU B 209 16.57 -43.02 28.00
N ARG B 210 15.64 -42.37 27.33
CA ARG B 210 14.25 -42.86 27.34
C ARG B 210 14.15 -44.05 26.38
N PRO B 211 13.62 -45.16 26.88
CA PRO B 211 13.49 -46.37 26.07
C PRO B 211 12.66 -46.17 24.78
N GLU B 212 11.59 -45.38 24.85
CA GLU B 212 10.77 -45.17 23.65
C GLU B 212 11.53 -44.35 22.61
N VAL B 213 12.38 -43.45 23.07
CA VAL B 213 13.19 -42.63 22.15
C VAL B 213 14.21 -43.56 21.48
N GLN B 214 14.88 -44.38 22.30
CA GLN B 214 15.81 -45.39 21.81
C GLN B 214 15.16 -46.26 20.76
N ASP B 215 13.92 -46.71 21.01
CA ASP B 215 13.24 -47.60 20.06
C ASP B 215 12.96 -46.88 18.75
N ALA B 216 12.56 -45.61 18.85
CA ALA B 216 12.26 -44.85 17.63
C ALA B 216 13.55 -44.69 16.83
N LEU B 217 14.64 -44.38 17.51
CA LEU B 217 15.89 -44.15 16.78
C LEU B 217 16.32 -45.45 16.08
N SER B 218 16.25 -46.54 16.83
CA SER B 218 16.63 -47.88 16.30
C SER B 218 15.81 -48.19 15.05
N ALA B 219 14.51 -47.94 15.13
CA ALA B 219 13.62 -48.33 14.04
C ALA B 219 13.86 -47.50 12.79
N GLU B 220 14.37 -46.27 12.97
CA GLU B 220 14.71 -45.41 11.83
C GLU B 220 16.15 -45.61 11.34
N GLY B 221 16.90 -46.49 12.00
CA GLY B 221 18.28 -46.76 11.62
C GLY B 221 19.24 -45.67 12.07
N LEU B 222 18.84 -44.90 13.06
CA LEU B 222 19.63 -43.77 13.52
C LEU B 222 20.54 -44.13 14.69
N ASN C 17 -34.19 37.36 -19.08
CA ASN C 17 -34.95 37.77 -17.86
C ASN C 17 -34.15 38.77 -17.00
N LEU C 18 -34.58 40.03 -16.99
CA LEU C 18 -33.82 41.07 -16.29
C LEU C 18 -34.14 41.18 -14.80
N TYR C 19 -35.08 40.39 -14.31
CA TYR C 19 -35.53 40.56 -12.91
C TYR C 19 -34.57 39.95 -11.85
N PHE C 20 -33.57 39.23 -12.30
CA PHE C 20 -32.54 38.69 -11.41
C PHE C 20 -31.26 38.52 -12.20
N GLN C 21 -30.13 38.45 -11.50
CA GLN C 21 -28.84 38.26 -12.16
C GLN C 21 -28.67 36.82 -12.68
N SER C 22 -28.10 36.72 -13.87
CA SER C 22 -27.91 35.45 -14.57
C SER C 22 -26.41 35.30 -14.94
N MET C 23 -25.94 34.07 -15.12
CA MET C 23 -24.54 33.85 -15.46
C MET C 23 -24.15 34.43 -16.81
N LYS C 24 -22.96 34.99 -16.86
CA LYS C 24 -22.37 35.46 -18.10
C LYS C 24 -21.03 34.76 -18.35
N LEU C 25 -20.87 34.15 -19.52
CA LEU C 25 -19.56 33.64 -19.93
C LEU C 25 -18.86 34.57 -20.93
N PHE C 26 -17.72 35.10 -20.52
CA PHE C 26 -16.83 35.89 -21.38
C PHE C 26 -15.96 34.93 -22.17
N TYR C 27 -16.00 35.04 -23.50
CA TYR C 27 -15.41 34.03 -24.36
C TYR C 27 -14.85 34.64 -25.63
N LYS C 28 -14.08 33.81 -26.35
CA LYS C 28 -13.72 34.09 -27.73
C LYS C 28 -13.91 32.82 -28.54
N PRO C 29 -14.53 32.90 -29.71
CA PRO C 29 -14.79 31.69 -30.50
C PRO C 29 -13.58 30.79 -30.69
N GLY C 30 -13.71 29.52 -30.29
CA GLY C 30 -12.66 28.54 -30.48
C GLY C 30 -11.54 28.57 -29.46
N ALA C 31 -11.50 29.59 -28.59
CA ALA C 31 -10.51 29.66 -27.54
C ALA C 31 -10.80 28.64 -26.43
N CYS C 32 -9.96 28.65 -25.41
CA CYS C 32 -10.07 27.66 -24.34
C CYS C 32 -11.41 27.75 -23.63
N SER C 33 -12.02 28.94 -23.69
CA SER C 33 -13.35 29.17 -23.14
C SER C 33 -14.43 28.24 -23.70
N LEU C 34 -14.21 27.63 -24.87
CA LEU C 34 -15.15 26.66 -25.43
C LEU C 34 -15.40 25.49 -24.45
N ALA C 35 -14.38 25.13 -23.66
CA ALA C 35 -14.55 23.99 -22.73
C ALA C 35 -15.55 24.34 -21.65
N SER C 36 -15.42 25.56 -21.11
CA SER C 36 -16.36 26.05 -20.11
C SER C 36 -17.79 26.22 -20.73
N HIS C 37 -17.85 26.68 -21.96
CA HIS C 37 -19.10 26.79 -22.72
C HIS C 37 -19.79 25.42 -22.86
N ILE C 38 -19.03 24.42 -23.30
CA ILE C 38 -19.58 23.07 -23.41
C ILE C 38 -20.07 22.60 -22.04
N THR C 39 -19.30 22.89 -20.98
CA THR C 39 -19.68 22.45 -19.63
C THR C 39 -20.97 23.13 -19.16
N LEU C 40 -21.10 24.42 -19.45
CA LEU C 40 -22.38 25.10 -19.16
C LEU C 40 -23.59 24.39 -19.79
N ARG C 41 -23.46 23.97 -21.05
CA ARG C 41 -24.52 23.25 -21.71
C ARG C 41 -24.75 21.83 -21.17
N GLU C 42 -23.67 21.12 -20.88
CA GLU C 42 -23.78 19.77 -20.34
C GLU C 42 -24.42 19.86 -18.94
N SER C 43 -24.26 21.03 -18.30
CA SER C 43 -24.81 21.28 -16.97
C SER C 43 -26.23 21.84 -16.99
N GLY C 44 -26.76 22.13 -18.18
CA GLY C 44 -28.13 22.63 -18.29
C GLY C 44 -28.34 23.99 -17.64
N LYS C 45 -27.34 24.85 -17.72
CA LYS C 45 -27.38 26.14 -17.06
C LYS C 45 -28.00 27.21 -17.94
N ASP C 46 -28.51 28.24 -17.27
CA ASP C 46 -28.98 29.46 -17.90
C ASP C 46 -27.79 30.41 -17.93
N PHE C 47 -27.42 30.88 -19.09
CA PHE C 47 -26.31 31.81 -19.21
C PHE C 47 -26.36 32.59 -20.52
N THR C 48 -25.63 33.68 -20.56
CA THR C 48 -25.40 34.41 -21.80
C THR C 48 -23.93 34.53 -22.11
N LEU C 49 -23.65 34.57 -23.41
CA LEU C 49 -22.30 34.69 -23.93
C LEU C 49 -21.97 36.16 -24.15
N VAL C 50 -20.77 36.54 -23.74
CA VAL C 50 -20.27 37.90 -23.98
C VAL C 50 -18.92 37.77 -24.69
N SER C 51 -18.90 38.16 -25.96
CA SER C 51 -17.68 38.07 -26.77
C SER C 51 -16.61 39.09 -26.33
N VAL C 52 -15.35 38.64 -26.36
CA VAL C 52 -14.21 39.52 -26.04
C VAL C 52 -13.21 39.61 -27.21
N ASP C 53 -12.93 40.82 -27.66
CA ASP C 53 -11.80 41.06 -28.55
C ASP C 53 -10.53 40.96 -27.70
N LEU C 54 -9.75 39.90 -27.91
CA LEU C 54 -8.60 39.61 -27.05
C LEU C 54 -7.38 40.50 -27.33
N MET C 55 -7.25 40.97 -28.58
CA MET C 55 -6.10 41.80 -28.96
C MET C 55 -6.20 43.19 -28.31
N LYS C 56 -7.43 43.71 -28.23
CA LYS C 56 -7.67 45.02 -27.63
C LYS C 56 -8.18 44.95 -26.20
N LYS C 57 -8.61 43.75 -25.77
CA LYS C 57 -9.24 43.56 -24.47
C LYS C 57 -10.45 44.49 -24.29
N ARG C 58 -11.38 44.40 -25.23
CA ARG C 58 -12.60 45.20 -25.18
C ARG C 58 -13.83 44.35 -25.48
N LEU C 59 -14.96 44.73 -24.89
CA LEU C 59 -16.24 44.10 -25.21
C LEU C 59 -16.79 44.75 -26.47
N GLU C 60 -17.86 44.18 -27.01
CA GLU C 60 -18.43 44.68 -28.25
C GLU C 60 -18.96 46.09 -28.05
N ASN C 61 -19.47 46.37 -26.86
CA ASN C 61 -19.99 47.70 -26.55
C ASN C 61 -18.89 48.70 -26.18
N GLY C 62 -17.64 48.24 -26.25
CA GLY C 62 -16.51 49.13 -26.06
C GLY C 62 -15.99 49.19 -24.64
N ASP C 63 -16.57 48.40 -23.74
CA ASP C 63 -16.11 48.37 -22.35
C ASP C 63 -14.74 47.71 -22.25
N ASP C 64 -13.92 48.22 -21.34
CA ASP C 64 -12.59 47.69 -21.09
C ASP C 64 -12.68 46.36 -20.35
N TYR C 65 -12.31 45.26 -21.01
CA TYR C 65 -12.48 43.93 -20.42
C TYR C 65 -11.61 43.75 -19.17
N PHE C 66 -10.56 44.57 -19.04
CA PHE C 66 -9.69 44.51 -17.87
C PHE C 66 -10.44 44.85 -16.59
N SER C 67 -11.53 45.61 -16.73
CA SER C 67 -12.38 45.97 -15.61
C SER C 67 -13.31 44.81 -15.23
N VAL C 68 -13.36 43.79 -16.09
CA VAL C 68 -14.08 42.57 -15.77
C VAL C 68 -13.10 41.55 -15.20
N ASN C 69 -12.09 41.19 -15.98
CA ASN C 69 -11.07 40.26 -15.53
C ASN C 69 -9.74 40.98 -15.58
N PRO C 70 -9.18 41.32 -14.40
CA PRO C 70 -7.88 42.01 -14.40
C PRO C 70 -6.80 41.22 -15.12
N LYS C 71 -6.93 39.89 -15.21
CA LYS C 71 -5.94 39.09 -15.92
C LYS C 71 -6.09 39.19 -17.45
N GLY C 72 -7.22 39.66 -17.93
CA GLY C 72 -7.38 40.00 -19.35
C GLY C 72 -7.55 38.77 -20.22
N GLN C 73 -7.96 37.66 -19.62
CA GLN C 73 -8.14 36.41 -20.35
C GLN C 73 -9.57 35.88 -20.37
N VAL C 74 -9.83 34.99 -21.33
CA VAL C 74 -11.05 34.20 -21.29
C VAL C 74 -10.61 32.78 -20.92
N PRO C 75 -11.50 31.98 -20.32
CA PRO C 75 -12.87 32.28 -19.91
C PRO C 75 -12.91 33.10 -18.63
N ALA C 76 -14.03 33.80 -18.44
CA ALA C 76 -14.40 34.34 -17.16
C ALA C 76 -15.90 34.11 -17.04
N LEU C 77 -16.33 33.67 -15.85
CA LEU C 77 -17.74 33.41 -15.59
C LEU C 77 -18.25 34.35 -14.49
N LEU C 78 -19.21 35.21 -14.83
CA LEU C 78 -19.83 36.06 -13.83
C LEU C 78 -20.95 35.24 -13.22
N LEU C 79 -20.86 35.02 -11.91
CA LEU C 79 -21.85 34.18 -11.23
C LEU C 79 -23.18 34.88 -10.88
N ASP C 80 -24.13 34.08 -10.40
CA ASP C 80 -25.42 34.55 -9.89
C ASP C 80 -25.36 35.81 -9.05
N ASP C 81 -24.29 35.95 -8.25
CA ASP C 81 -24.23 36.96 -7.21
C ASP C 81 -23.23 38.08 -7.51
N GLY C 82 -22.82 38.20 -8.77
CA GLY C 82 -21.89 39.25 -9.18
C GLY C 82 -20.43 38.84 -9.11
N THR C 83 -20.16 37.73 -8.46
CA THR C 83 -18.80 37.24 -8.26
C THR C 83 -18.21 36.71 -9.58
N LEU C 84 -16.93 37.00 -9.82
CA LEU C 84 -16.32 36.53 -11.05
C LEU C 84 -15.44 35.32 -10.75
N LEU C 85 -15.64 34.24 -11.49
CA LEU C 85 -14.76 33.10 -11.38
C LEU C 85 -13.92 33.01 -12.66
N THR C 86 -12.60 32.95 -12.50
CA THR C 86 -11.73 32.75 -13.65
C THR C 86 -11.06 31.35 -13.57
N GLU C 87 -10.33 30.99 -14.61
CA GLU C 87 -9.62 29.71 -14.69
C GLU C 87 -10.57 28.58 -15.12
N GLY C 88 -10.39 28.19 -16.37
CA GLY C 88 -11.27 27.16 -16.90
C GLY C 88 -11.51 25.96 -16.00
N VAL C 89 -10.44 25.39 -15.49
CA VAL C 89 -10.51 24.22 -14.64
C VAL C 89 -11.39 24.49 -13.40
N ALA C 90 -11.28 25.65 -12.81
CA ALA C 90 -12.14 26.00 -11.68
C ALA C 90 -13.59 26.17 -12.08
N ILE C 91 -13.82 26.94 -13.13
CA ILE C 91 -15.16 27.05 -13.67
C ILE C 91 -15.81 25.68 -13.92
N MET C 92 -15.10 24.74 -14.56
CA MET C 92 -15.71 23.46 -14.90
C MET C 92 -16.04 22.63 -13.67
N GLN C 93 -15.18 22.71 -12.65
CA GLN C 93 -15.44 22.03 -11.39
C GLN C 93 -16.67 22.61 -10.68
N TYR C 94 -16.69 23.95 -10.57
CA TYR C 94 -17.84 24.62 -9.96
C TYR C 94 -19.14 24.15 -10.62
N LEU C 95 -19.13 24.10 -11.95
CA LEU C 95 -20.35 23.68 -12.67
C LEU C 95 -20.70 22.20 -12.47
N ALA C 96 -19.72 21.31 -12.64
CA ALA C 96 -19.94 19.88 -12.48
C ALA C 96 -20.46 19.52 -11.11
N ASP C 97 -19.93 20.17 -10.08
CA ASP C 97 -20.33 19.86 -8.71
C ASP C 97 -21.76 20.29 -8.47
N SER C 98 -22.25 21.26 -9.23
CA SER C 98 -23.62 21.74 -9.05
C SER C 98 -24.67 20.82 -9.69
N VAL C 99 -24.22 19.87 -10.49
CA VAL C 99 -25.12 18.89 -11.09
C VAL C 99 -24.67 17.46 -10.84
N PRO C 100 -24.61 17.05 -9.55
CA PRO C 100 -24.15 15.68 -9.23
C PRO C 100 -24.83 14.54 -10.00
N ASP C 101 -26.13 14.68 -10.29
CA ASP C 101 -26.86 13.64 -11.00
C ASP C 101 -26.33 13.39 -12.42
N ARG C 102 -25.57 14.32 -12.96
CA ARG C 102 -25.08 14.17 -14.32
C ARG C 102 -23.68 13.53 -14.39
N GLN C 103 -23.09 13.30 -13.21
CA GLN C 103 -21.81 12.59 -13.12
C GLN C 103 -20.76 13.13 -14.07
N LEU C 104 -20.60 14.45 -14.11
CA LEU C 104 -19.61 15.06 -14.94
C LEU C 104 -18.29 15.08 -14.20
N LEU C 105 -18.36 14.87 -12.89
CA LEU C 105 -17.18 14.77 -12.03
C LEU C 105 -17.63 13.91 -10.85
N ALA C 106 -16.85 12.89 -10.52
CA ALA C 106 -17.18 11.92 -9.46
C ALA C 106 -17.09 12.58 -8.10
N PRO C 107 -17.73 11.97 -7.08
CA PRO C 107 -17.77 12.66 -5.80
C PRO C 107 -16.44 12.72 -5.07
N VAL C 108 -16.39 13.68 -4.16
CA VAL C 108 -15.24 13.82 -3.29
C VAL C 108 -14.87 12.51 -2.63
N ASN C 109 -13.57 12.31 -2.53
CA ASN C 109 -12.99 11.14 -1.90
C ASN C 109 -13.18 9.84 -2.69
N SER C 110 -13.57 9.95 -3.95
CA SER C 110 -13.49 8.78 -4.84
C SER C 110 -12.24 8.92 -5.72
N ILE C 111 -11.50 7.84 -5.90
CA ILE C 111 -10.28 7.91 -6.70
C ILE C 111 -10.55 8.44 -8.12
N SER C 112 -11.71 8.09 -8.67
CA SER C 112 -12.16 8.56 -9.98
C SER C 112 -12.19 10.09 -10.12
N ARG C 113 -12.63 10.77 -9.08
CA ARG C 113 -12.62 12.23 -9.10
C ARG C 113 -11.19 12.75 -9.37
N TYR C 114 -10.21 12.19 -8.68
CA TYR C 114 -8.85 12.73 -8.72
C TYR C 114 -8.16 12.34 -10.01
N LYS C 115 -8.56 11.21 -10.57
CA LYS C 115 -8.07 10.90 -11.90
C LYS C 115 -8.57 11.94 -12.91
N THR C 116 -9.80 12.43 -12.74
CA THR C 116 -10.34 13.42 -13.64
C THR C 116 -9.59 14.74 -13.42
N ILE C 117 -9.40 15.10 -12.17
CA ILE C 117 -8.63 16.31 -11.89
C ILE C 117 -7.19 16.25 -12.44
N GLU C 118 -6.57 15.07 -12.41
CA GLU C 118 -5.26 14.80 -12.99
C GLU C 118 -5.28 15.11 -14.48
N TRP C 119 -6.28 14.60 -15.20
CA TRP C 119 -6.40 14.89 -16.63
C TRP C 119 -6.64 16.37 -16.86
N LEU C 120 -7.49 17.00 -16.05
CA LEU C 120 -7.71 18.45 -16.17
C LEU C 120 -6.40 19.22 -16.06
N ASN C 121 -5.56 18.87 -15.08
CA ASN C 121 -4.29 19.54 -14.87
C ASN C 121 -3.28 19.29 -15.99
N TYR C 122 -3.23 18.04 -16.46
CA TYR C 122 -2.44 17.69 -17.65
C TYR C 122 -2.84 18.54 -18.86
N ILE C 123 -4.14 18.60 -19.12
CA ILE C 123 -4.63 19.37 -20.25
C ILE C 123 -4.27 20.85 -20.07
N ALA C 124 -4.42 21.38 -18.88
CA ALA C 124 -4.18 22.82 -18.69
C ALA C 124 -2.72 23.15 -18.83
N THR C 125 -1.89 22.36 -18.17
CA THR C 125 -0.46 22.70 -18.03
C THR C 125 0.43 22.20 -19.16
N GLU C 126 0.09 21.05 -19.72
CA GLU C 126 0.95 20.46 -20.76
C GLU C 126 0.38 20.63 -22.16
N LEU C 127 -0.95 20.55 -22.33
CA LEU C 127 -1.51 20.72 -23.68
C LEU C 127 -1.84 22.19 -23.98
N HIS C 128 -2.77 22.76 -23.23
CA HIS C 128 -3.18 24.16 -23.42
C HIS C 128 -1.95 25.10 -23.43
N LYS C 129 -1.20 25.13 -22.34
CA LYS C 129 -0.03 25.96 -22.23
C LYS C 129 1.13 25.54 -23.15
N GLY C 130 1.09 24.31 -23.63
CA GLY C 130 1.97 23.85 -24.69
C GLY C 130 1.67 24.49 -26.03
N PHE C 131 0.40 24.76 -26.30
CA PHE C 131 0.03 25.45 -27.54
C PHE C 131 0.27 26.97 -27.46
N THR C 132 0.22 27.53 -26.25
CA THR C 132 0.20 28.97 -26.09
C THR C 132 1.28 29.75 -26.85
N PRO C 133 2.54 29.26 -26.87
CA PRO C 133 3.56 30.00 -27.63
C PRO C 133 3.19 30.14 -29.10
N LEU C 134 2.44 29.19 -29.64
CA LEU C 134 2.13 29.21 -31.07
C LEU C 134 1.09 30.28 -31.43
N PHE C 135 0.48 30.87 -30.42
CA PHE C 135 -0.56 31.87 -30.63
C PHE C 135 -0.16 33.24 -30.13
N ARG C 136 1.07 33.38 -29.67
CA ARG C 136 1.54 34.66 -29.14
C ARG C 136 2.47 35.36 -30.12
N PRO C 137 2.29 36.67 -30.28
CA PRO C 137 3.11 37.53 -31.13
C PRO C 137 4.58 37.50 -30.70
N ASP C 138 4.83 37.39 -29.41
CA ASP C 138 6.19 37.58 -28.91
C ASP C 138 7.04 36.32 -28.98
N THR C 139 6.53 35.27 -29.62
CA THR C 139 7.29 34.03 -29.72
C THR C 139 8.18 34.06 -30.97
N PRO C 140 9.50 33.95 -30.77
CA PRO C 140 10.41 33.91 -31.93
C PRO C 140 10.20 32.66 -32.77
N GLU C 141 10.28 32.82 -34.09
CA GLU C 141 9.98 31.73 -35.01
C GLU C 141 10.90 30.54 -34.78
N GLU C 142 12.15 30.79 -34.39
CA GLU C 142 13.11 29.71 -34.18
C GLU C 142 12.80 28.83 -32.96
N TYR C 143 11.83 29.25 -32.16
CA TYR C 143 11.41 28.46 -31.02
C TYR C 143 10.26 27.55 -31.41
N LYS C 144 9.55 27.89 -32.49
CA LYS C 144 8.28 27.22 -32.77
C LYS C 144 8.44 25.74 -33.18
N PRO C 145 9.47 25.43 -34.00
CA PRO C 145 9.70 24.00 -34.33
C PRO C 145 9.88 23.13 -33.09
N THR C 146 10.59 23.65 -32.11
CA THR C 146 10.75 22.99 -30.82
C THR C 146 9.41 22.80 -30.09
N VAL C 147 8.60 23.86 -30.00
CA VAL C 147 7.28 23.79 -29.39
C VAL C 147 6.44 22.71 -30.09
N ARG C 148 6.48 22.72 -31.42
CA ARG C 148 5.64 21.79 -32.17
C ARG C 148 6.07 20.33 -31.98
N ALA C 149 7.37 20.07 -31.94
CA ALA C 149 7.88 18.72 -31.65
C ALA C 149 7.46 18.21 -30.25
N GLN C 150 7.42 19.11 -29.27
CA GLN C 150 6.96 18.75 -27.92
C GLN C 150 5.49 18.35 -27.98
N LEU C 151 4.72 19.14 -28.72
CA LEU C 151 3.30 18.87 -28.87
C LEU C 151 3.08 17.55 -29.57
N ASP C 152 3.90 17.25 -30.58
CA ASP C 152 3.77 15.97 -31.27
C ASP C 152 3.91 14.81 -30.27
N LYS C 153 4.90 14.91 -29.37
CA LYS C 153 5.09 13.86 -28.36
C LYS C 153 3.92 13.77 -27.38
N LYS C 154 3.39 14.90 -26.97
CA LYS C 154 2.23 14.88 -26.07
C LYS C 154 0.99 14.31 -26.78
N LEU C 155 0.83 14.55 -28.07
CA LEU C 155 -0.34 13.98 -28.77
C LEU C 155 -0.21 12.45 -28.88
N GLN C 156 1.02 11.95 -29.00
CA GLN C 156 1.22 10.49 -29.04
C GLN C 156 0.73 9.92 -27.70
N TYR C 157 1.03 10.63 -26.62
CA TYR C 157 0.69 10.18 -25.28
C TYR C 157 -0.82 10.20 -25.06
N VAL C 158 -1.45 11.27 -25.49
CA VAL C 158 -2.89 11.38 -25.44
C VAL C 158 -3.56 10.28 -26.27
N ASN C 159 -3.03 10.06 -27.46
CA ASN C 159 -3.58 9.02 -28.35
C ASN C 159 -3.54 7.64 -27.68
N GLU C 160 -2.44 7.30 -27.03
CA GLU C 160 -2.30 6.05 -26.30
C GLU C 160 -3.25 6.02 -25.09
N ALA C 161 -3.49 7.18 -24.49
CA ALA C 161 -4.39 7.23 -23.33
C ALA C 161 -5.83 6.95 -23.73
N LEU C 162 -6.14 7.19 -25.00
CA LEU C 162 -7.47 6.96 -25.56
C LEU C 162 -7.63 5.63 -26.30
N LYS C 163 -6.67 4.71 -26.12
CA LYS C 163 -6.63 3.44 -26.83
C LYS C 163 -7.93 2.59 -26.71
N ASP C 164 -8.64 2.68 -25.59
CA ASP C 164 -9.88 1.91 -25.45
C ASP C 164 -11.08 2.55 -26.17
N GLU C 165 -10.84 3.70 -26.76
CA GLU C 165 -11.82 4.48 -27.53
C GLU C 165 -13.18 4.63 -26.83
N HIS C 166 -13.09 5.05 -25.57
CA HIS C 166 -14.24 5.54 -24.84
C HIS C 166 -13.93 7.02 -24.55
N TRP C 167 -13.67 7.35 -23.30
CA TRP C 167 -13.48 8.73 -22.89
C TRP C 167 -12.11 8.88 -22.26
N ILE C 168 -11.68 10.10 -21.94
CA ILE C 168 -10.32 10.27 -21.47
C ILE C 168 -10.08 9.63 -20.10
N CYS C 169 -11.10 9.57 -19.26
CA CYS C 169 -10.94 8.91 -17.98
C CYS C 169 -11.33 7.44 -18.03
N GLY C 170 -11.59 6.92 -19.24
CA GLY C 170 -12.05 5.55 -19.37
C GLY C 170 -13.53 5.48 -19.71
N GLN C 171 -14.35 4.96 -18.81
CA GLN C 171 -15.72 4.61 -19.21
C GLN C 171 -16.79 5.72 -19.15
N ARG C 172 -16.60 6.79 -18.35
CA ARG C 172 -17.61 7.89 -18.28
C ARG C 172 -17.17 9.27 -18.83
N PHE C 173 -18.07 9.96 -19.55
CA PHE C 173 -17.83 11.30 -20.07
C PHE C 173 -17.70 12.24 -18.88
N THR C 174 -16.68 13.07 -18.88
CA THR C 174 -16.47 13.99 -17.77
C THR C 174 -16.07 15.36 -18.28
N ILE C 175 -15.96 16.34 -17.40
CA ILE C 175 -15.46 17.63 -17.80
C ILE C 175 -14.08 17.57 -18.42
N ALA C 176 -13.30 16.53 -18.16
CA ALA C 176 -12.00 16.40 -18.82
C ALA C 176 -12.16 16.22 -20.35
N ASP C 177 -13.21 15.58 -20.77
CA ASP C 177 -13.43 15.38 -22.21
C ASP C 177 -13.69 16.73 -22.90
N ALA C 178 -14.48 17.60 -22.29
CA ALA C 178 -14.79 18.88 -22.90
C ALA C 178 -13.51 19.67 -23.10
N TYR C 179 -12.64 19.65 -22.09
CA TYR C 179 -11.40 20.40 -22.14
C TYR C 179 -10.45 19.78 -23.18
N LEU C 180 -10.28 18.46 -23.16
CA LEU C 180 -9.38 17.82 -24.12
C LEU C 180 -9.82 18.11 -25.53
N PHE C 181 -11.14 18.06 -25.80
CA PHE C 181 -11.69 18.33 -27.16
C PHE C 181 -11.32 19.73 -27.58
N THR C 182 -11.52 20.68 -26.68
CA THR C 182 -11.28 22.10 -26.97
C THR C 182 -9.84 22.33 -27.44
N VAL C 183 -8.90 21.74 -26.71
CA VAL C 183 -7.51 21.93 -26.99
C VAL C 183 -7.10 21.14 -28.24
N LEU C 184 -7.66 19.95 -28.39
CA LEU C 184 -7.31 19.16 -29.58
C LEU C 184 -7.78 19.82 -30.86
N ARG C 185 -8.86 20.60 -30.81
CA ARG C 185 -9.23 21.38 -32.02
C ARG C 185 -8.07 22.24 -32.51
N TRP C 186 -7.21 22.73 -31.60
CA TRP C 186 -6.13 23.59 -32.00
C TRP C 186 -5.06 22.83 -32.77
N ALA C 187 -4.96 21.52 -32.56
CA ALA C 187 -3.96 20.71 -33.25
C ALA C 187 -4.33 20.77 -34.71
N TYR C 188 -5.64 20.74 -34.99
CA TYR C 188 -6.07 20.85 -36.39
C TYR C 188 -5.83 22.25 -36.91
N ALA C 189 -6.14 23.25 -36.09
CA ALA C 189 -5.98 24.65 -36.47
C ALA C 189 -4.55 25.02 -36.85
N VAL C 190 -3.56 24.52 -36.10
CA VAL C 190 -2.17 24.83 -36.38
C VAL C 190 -1.52 23.78 -37.31
N LYS C 191 -2.36 22.89 -37.82
CA LYS C 191 -1.98 21.95 -38.85
C LYS C 191 -0.85 21.02 -38.45
N LEU C 192 -0.92 20.52 -37.23
CA LEU C 192 -0.04 19.44 -36.84
C LEU C 192 -0.37 18.19 -37.67
N ASN C 193 0.58 17.28 -37.72
CA ASN C 193 0.39 16.02 -38.43
C ASN C 193 -0.19 14.98 -37.49
N LEU C 194 -1.46 14.65 -37.71
CA LEU C 194 -2.18 13.72 -36.83
C LEU C 194 -2.31 12.31 -37.46
N GLU C 195 -1.56 12.06 -38.51
CA GLU C 195 -1.60 10.73 -39.16
C GLU C 195 -1.30 9.62 -38.16
N GLY C 196 -2.12 8.59 -38.17
CA GLY C 196 -1.89 7.42 -37.36
C GLY C 196 -2.39 7.58 -35.93
N LEU C 197 -2.92 8.75 -35.59
CA LEU C 197 -3.47 8.95 -34.25
C LEU C 197 -4.96 8.63 -34.28
N GLU C 198 -5.25 7.34 -34.49
CA GLU C 198 -6.60 6.87 -34.71
C GLU C 198 -7.53 7.05 -33.52
N HIS C 199 -6.98 7.00 -32.30
CA HIS C 199 -7.80 7.11 -31.09
C HIS C 199 -8.23 8.55 -30.89
N ILE C 200 -7.31 9.49 -31.15
CA ILE C 200 -7.70 10.89 -31.16
C ILE C 200 -8.81 11.14 -32.18
N ALA C 201 -8.66 10.56 -33.38
CA ALA C 201 -9.67 10.74 -34.40
C ALA C 201 -11.05 10.28 -33.96
N ALA C 202 -11.11 9.10 -33.33
CA ALA C 202 -12.39 8.54 -32.92
C ALA C 202 -13.02 9.39 -31.82
N PHE C 203 -12.18 9.85 -30.88
CA PHE C 203 -12.59 10.73 -29.78
C PHE C 203 -13.22 12.02 -30.31
N MET C 204 -12.57 12.63 -31.32
CA MET C 204 -13.10 13.86 -31.90
C MET C 204 -14.44 13.64 -32.57
N GLN C 205 -14.60 12.48 -33.22
CA GLN C 205 -15.88 12.13 -33.81
C GLN C 205 -16.97 11.91 -32.76
N ARG C 206 -16.63 11.22 -31.69
CA ARG C 206 -17.61 11.04 -30.61
C ARG C 206 -18.06 12.36 -29.95
N MET C 207 -17.11 13.26 -29.71
CA MET C 207 -17.45 14.58 -29.20
C MET C 207 -18.35 15.35 -30.15
N ALA C 208 -18.04 15.34 -31.44
CA ALA C 208 -18.88 16.01 -32.42
C ALA C 208 -20.32 15.52 -32.47
N GLU C 209 -20.58 14.30 -32.00
CA GLU C 209 -21.93 13.75 -32.00
C GLU C 209 -22.79 14.22 -30.82
N ARG C 210 -22.17 14.86 -29.82
CA ARG C 210 -22.89 15.25 -28.60
C ARG C 210 -23.67 16.56 -28.88
N PRO C 211 -24.97 16.59 -28.55
CA PRO C 211 -25.72 17.80 -28.86
C PRO C 211 -25.15 19.08 -28.21
N GLU C 212 -24.58 18.97 -27.01
CA GLU C 212 -24.12 20.16 -26.31
C GLU C 212 -22.87 20.73 -26.94
N VAL C 213 -22.09 19.84 -27.54
CA VAL C 213 -20.94 20.22 -28.29
C VAL C 213 -21.38 20.89 -29.59
N GLN C 214 -22.32 20.27 -30.29
CA GLN C 214 -22.80 20.83 -31.54
C GLN C 214 -23.34 22.21 -31.29
N ASP C 215 -24.16 22.33 -30.26
CA ASP C 215 -24.78 23.61 -29.93
C ASP C 215 -23.79 24.72 -29.51
N ALA C 216 -22.73 24.36 -28.78
CA ALA C 216 -21.68 25.28 -28.39
C ALA C 216 -20.92 25.78 -29.61
N LEU C 217 -20.60 24.87 -30.53
CA LEU C 217 -19.91 25.26 -31.75
C LEU C 217 -20.79 26.20 -32.55
N SER C 218 -22.06 25.85 -32.71
CA SER C 218 -22.97 26.70 -33.47
C SER C 218 -23.06 28.09 -32.85
N ALA C 219 -23.21 28.13 -31.54
CA ALA C 219 -23.37 29.41 -30.86
C ALA C 219 -22.14 30.31 -31.00
N GLU C 220 -20.98 29.68 -31.18
CA GLU C 220 -19.71 30.36 -31.32
C GLU C 220 -19.39 30.60 -32.79
N GLY C 221 -20.21 30.07 -33.67
CA GLY C 221 -20.07 30.32 -35.10
C GLY C 221 -18.92 29.55 -35.71
N LEU C 222 -18.66 28.37 -35.17
CA LEU C 222 -17.52 27.55 -35.54
C LEU C 222 -17.93 26.42 -36.47
N ASN D 17 7.16 0.33 8.19
CA ASN D 17 6.25 -0.85 8.35
C ASN D 17 5.98 -1.55 7.00
N LEU D 18 6.50 -2.78 6.85
CA LEU D 18 6.41 -3.49 5.58
C LEU D 18 5.16 -4.36 5.42
N TYR D 19 4.34 -4.47 6.45
CA TYR D 19 3.20 -5.40 6.42
C TYR D 19 1.99 -4.90 5.60
N PHE D 20 2.04 -3.66 5.12
CA PHE D 20 1.02 -3.12 4.24
C PHE D 20 1.61 -2.00 3.39
N GLN D 21 0.98 -1.72 2.27
CA GLN D 21 1.43 -0.66 1.38
C GLN D 21 1.15 0.73 1.98
N SER D 22 2.13 1.62 1.87
CA SER D 22 1.98 3.00 2.31
C SER D 22 2.36 3.95 1.18
N MET D 23 2.04 5.23 1.33
CA MET D 23 2.29 6.18 0.25
C MET D 23 3.76 6.48 0.04
N LYS D 24 4.13 6.69 -1.23
CA LYS D 24 5.47 7.08 -1.63
C LYS D 24 5.38 8.36 -2.48
N LEU D 25 6.16 9.39 -2.13
CA LEU D 25 6.21 10.62 -2.94
C LEU D 25 7.52 10.67 -3.70
N PHE D 26 7.40 10.62 -5.04
CA PHE D 26 8.56 10.79 -5.91
C PHE D 26 8.80 12.27 -6.12
N TYR D 27 10.02 12.73 -5.84
CA TYR D 27 10.29 14.16 -5.72
C TYR D 27 11.70 14.50 -6.17
N LYS D 28 11.94 15.79 -6.36
CA LYS D 28 13.30 16.32 -6.51
C LYS D 28 13.41 17.53 -5.60
N PRO D 29 14.50 17.65 -4.82
CA PRO D 29 14.62 18.77 -3.87
C PRO D 29 14.40 20.13 -4.50
N GLY D 30 13.45 20.88 -3.95
CA GLY D 30 13.18 22.22 -4.42
C GLY D 30 12.26 22.33 -5.63
N ALA D 31 11.99 21.22 -6.30
CA ALA D 31 11.10 21.24 -7.45
C ALA D 31 9.64 21.46 -7.04
N CYS D 32 8.74 21.35 -8.01
CA CYS D 32 7.34 21.58 -7.76
C CYS D 32 6.74 20.58 -6.78
N SER D 33 7.35 19.41 -6.67
CA SER D 33 6.93 18.37 -5.78
C SER D 33 6.98 18.84 -4.31
N LEU D 34 7.74 19.88 -4.04
CA LEU D 34 7.77 20.44 -2.66
C LEU D 34 6.35 20.81 -2.17
N ALA D 35 5.50 21.26 -3.08
CA ALA D 35 4.13 21.64 -2.75
C ALA D 35 3.34 20.44 -2.26
N SER D 36 3.45 19.32 -2.96
CA SER D 36 2.81 18.08 -2.57
C SER D 36 3.43 17.55 -1.22
N HIS D 37 4.74 17.69 -1.08
CA HIS D 37 5.45 17.31 0.15
C HIS D 37 4.88 18.08 1.33
N ILE D 38 4.78 19.39 1.19
CA ILE D 38 4.26 20.19 2.29
C ILE D 38 2.83 19.77 2.61
N THR D 39 2.05 19.50 1.57
CA THR D 39 0.65 19.10 1.75
C THR D 39 0.53 17.74 2.48
N LEU D 40 1.38 16.79 2.14
CA LEU D 40 1.42 15.53 2.89
C LEU D 40 1.63 15.80 4.37
N ARG D 41 2.55 16.72 4.68
CA ARG D 41 2.82 17.05 6.08
C ARG D 41 1.66 17.79 6.76
N GLU D 42 1.05 18.73 6.05
CA GLU D 42 -0.09 19.47 6.59
C GLU D 42 -1.24 18.52 6.83
N SER D 43 -1.34 17.46 6.02
N SER D 43 -1.29 17.44 6.04
CA SER D 43 -2.42 16.48 6.19
CA SER D 43 -2.37 16.47 6.13
C SER D 43 -2.06 15.28 7.07
C SER D 43 -2.08 15.34 7.10
N GLY D 44 -0.92 15.36 7.75
CA GLY D 44 -0.53 14.36 8.73
C GLY D 44 -0.44 12.92 8.22
N LYS D 45 0.08 12.76 7.02
CA LYS D 45 0.12 11.45 6.39
C LYS D 45 1.39 10.71 6.70
N ASP D 46 1.28 9.39 6.61
CA ASP D 46 2.42 8.50 6.63
C ASP D 46 2.87 8.34 5.17
N PHE D 47 4.13 8.68 4.91
CA PHE D 47 4.68 8.48 3.57
C PHE D 47 6.20 8.38 3.61
N THR D 48 6.79 7.94 2.50
CA THR D 48 8.23 8.03 2.33
C THR D 48 8.57 8.82 1.05
N LEU D 49 9.70 9.52 1.10
CA LEU D 49 10.24 10.23 -0.04
C LEU D 49 11.12 9.31 -0.87
N VAL D 50 10.98 9.43 -2.19
CA VAL D 50 11.81 8.70 -3.15
C VAL D 50 12.40 9.69 -4.11
N SER D 51 13.71 9.87 -4.02
CA SER D 51 14.38 10.88 -4.83
C SER D 51 14.46 10.43 -6.28
N VAL D 52 14.20 11.35 -7.21
CA VAL D 52 14.35 11.06 -8.64
C VAL D 52 15.46 11.90 -9.26
N ASP D 53 16.34 11.25 -10.02
CA ASP D 53 17.28 11.95 -10.90
C ASP D 53 16.54 12.31 -12.19
N LEU D 54 16.26 13.59 -12.39
CA LEU D 54 15.37 14.03 -13.45
C LEU D 54 16.04 14.09 -14.81
N MET D 55 17.37 14.10 -14.84
CA MET D 55 18.09 14.21 -16.12
C MET D 55 18.27 12.82 -16.74
N LYS D 56 18.42 11.81 -15.88
CA LYS D 56 18.55 10.44 -16.32
C LYS D 56 17.26 9.65 -16.12
N LYS D 57 16.31 10.25 -15.40
CA LYS D 57 15.02 9.61 -15.15
C LYS D 57 15.21 8.25 -14.48
N ARG D 58 16.06 8.23 -13.47
CA ARG D 58 16.34 7.03 -12.72
C ARG D 58 16.25 7.27 -11.21
N LEU D 59 15.96 6.22 -10.45
CA LEU D 59 15.97 6.29 -9.00
C LEU D 59 17.40 6.01 -8.52
N GLU D 60 17.69 6.34 -7.26
CA GLU D 60 19.01 6.13 -6.69
C GLU D 60 19.37 4.66 -6.55
N ASN D 61 18.49 3.77 -7.02
CA ASN D 61 18.75 2.34 -7.01
C ASN D 61 18.84 1.77 -8.42
N GLY D 62 18.91 2.64 -9.42
CA GLY D 62 19.08 2.23 -10.80
C GLY D 62 17.78 2.05 -11.57
N ASP D 63 16.67 1.99 -10.85
CA ASP D 63 15.36 1.72 -11.47
C ASP D 63 14.93 2.83 -12.42
N ASP D 64 14.33 2.41 -13.52
CA ASP D 64 13.80 3.30 -14.54
C ASP D 64 12.53 4.00 -14.06
N TYR D 65 12.59 5.31 -13.90
CA TYR D 65 11.45 6.07 -13.37
C TYR D 65 10.25 6.05 -14.32
N PHE D 66 10.49 5.88 -15.62
CA PHE D 66 9.40 5.87 -16.59
C PHE D 66 8.45 4.72 -16.33
N SER D 67 8.97 3.65 -15.71
CA SER D 67 8.15 2.51 -15.36
C SER D 67 7.22 2.87 -14.21
N VAL D 68 7.59 3.90 -13.46
CA VAL D 68 6.76 4.42 -12.39
C VAL D 68 5.80 5.45 -12.94
N ASN D 69 6.32 6.54 -13.50
CA ASN D 69 5.49 7.56 -14.14
C ASN D 69 5.91 7.70 -15.59
N PRO D 70 5.08 7.20 -16.51
CA PRO D 70 5.38 7.32 -17.94
C PRO D 70 5.64 8.76 -18.38
N LYS D 71 5.08 9.75 -17.68
CA LYS D 71 5.32 11.15 -18.04
C LYS D 71 6.73 11.64 -17.65
N GLY D 72 7.39 10.92 -16.74
CA GLY D 72 8.77 11.20 -16.41
C GLY D 72 8.94 12.45 -15.54
N GLN D 73 7.89 12.85 -14.87
CA GLN D 73 7.93 14.05 -14.02
C GLN D 73 7.74 13.77 -12.53
N VAL D 74 8.14 14.72 -11.71
CA VAL D 74 7.66 14.74 -10.35
C VAL D 74 6.71 15.93 -10.24
N PRO D 75 5.79 15.90 -9.26
CA PRO D 75 5.58 14.81 -8.31
C PRO D 75 4.81 13.64 -8.87
N ALA D 76 4.96 12.51 -8.20
CA ALA D 76 4.09 11.38 -8.39
C ALA D 76 3.88 10.77 -7.01
N LEU D 77 2.63 10.42 -6.73
CA LEU D 77 2.26 9.83 -5.44
C LEU D 77 1.71 8.41 -5.62
N LEU D 78 2.40 7.45 -5.03
CA LEU D 78 1.97 6.06 -5.08
C LEU D 78 1.01 5.88 -3.92
N LEU D 79 -0.24 5.54 -4.23
CA LEU D 79 -1.27 5.46 -3.17
C LEU D 79 -1.19 4.13 -2.44
N ASP D 80 -1.88 4.04 -1.30
CA ASP D 80 -1.80 2.84 -0.47
C ASP D 80 -2.55 1.64 -1.06
N ASP D 81 -2.97 1.74 -2.31
CA ASP D 81 -3.52 0.59 -3.03
C ASP D 81 -2.71 0.28 -4.29
N GLY D 82 -1.55 0.91 -4.44
CA GLY D 82 -0.68 0.66 -5.58
C GLY D 82 -0.88 1.59 -6.77
N THR D 83 -1.99 2.33 -6.79
CA THR D 83 -2.27 3.32 -7.84
C THR D 83 -1.32 4.51 -7.82
N LEU D 84 -1.01 5.04 -9.00
CA LEU D 84 -0.17 6.21 -9.09
C LEU D 84 -1.02 7.43 -9.41
N LEU D 85 -0.90 8.48 -8.60
CA LEU D 85 -1.56 9.73 -8.90
C LEU D 85 -0.48 10.74 -9.29
N THR D 86 -0.63 11.37 -10.44
CA THR D 86 0.29 12.40 -10.87
C THR D 86 -0.44 13.76 -10.90
N GLU D 87 0.32 14.80 -11.23
CA GLU D 87 -0.16 16.20 -11.26
C GLU D 87 -0.31 16.79 -9.87
N GLY D 88 0.53 17.76 -9.54
CA GLY D 88 0.55 18.28 -8.19
C GLY D 88 -0.83 18.73 -7.72
N VAL D 89 -1.51 19.50 -8.57
CA VAL D 89 -2.84 20.01 -8.21
C VAL D 89 -3.78 18.86 -7.84
N ALA D 90 -3.75 17.76 -8.56
CA ALA D 90 -4.64 16.65 -8.19
C ALA D 90 -4.23 15.97 -6.90
N ILE D 91 -2.92 15.77 -6.70
CA ILE D 91 -2.41 15.21 -5.48
C ILE D 91 -2.83 16.05 -4.30
N MET D 92 -2.67 17.37 -4.41
CA MET D 92 -3.02 18.23 -3.28
C MET D 92 -4.54 18.19 -2.95
N GLN D 93 -5.40 18.14 -3.96
CA GLN D 93 -6.83 18.01 -3.72
C GLN D 93 -7.14 16.68 -3.04
N TYR D 94 -6.58 15.59 -3.56
CA TYR D 94 -6.84 14.26 -2.99
C TYR D 94 -6.50 14.28 -1.49
N LEU D 95 -5.36 14.84 -1.17
CA LEU D 95 -4.94 14.88 0.23
C LEU D 95 -5.83 15.82 1.07
N ALA D 96 -6.15 16.98 0.55
CA ALA D 96 -6.94 17.93 1.32
C ALA D 96 -8.31 17.35 1.65
N ASP D 97 -8.94 16.70 0.68
CA ASP D 97 -10.28 16.21 0.86
C ASP D 97 -10.30 15.10 1.90
N SER D 98 -9.16 14.44 2.11
CA SER D 98 -9.10 13.33 3.03
C SER D 98 -9.00 13.79 4.47
N VAL D 99 -8.64 15.06 4.67
CA VAL D 99 -8.57 15.67 6.02
C VAL D 99 -9.48 16.92 6.15
N PRO D 100 -10.81 16.72 6.02
CA PRO D 100 -11.75 17.86 6.01
C PRO D 100 -11.72 18.67 7.31
N ASP D 101 -11.35 18.07 8.44
CA ASP D 101 -11.26 18.80 9.70
C ASP D 101 -10.16 19.88 9.69
N ARG D 102 -9.22 19.76 8.78
CA ARG D 102 -8.08 20.66 8.72
C ARG D 102 -8.26 21.85 7.77
N GLN D 103 -9.38 21.84 7.04
CA GLN D 103 -9.79 22.98 6.19
C GLN D 103 -8.68 23.45 5.26
N LEU D 104 -8.03 22.47 4.62
CA LEU D 104 -7.00 22.78 3.63
C LEU D 104 -7.64 23.11 2.29
N LEU D 105 -8.90 22.69 2.14
CA LEU D 105 -9.71 23.00 0.97
C LEU D 105 -11.17 23.01 1.45
N ALA D 106 -11.92 24.04 1.11
CA ALA D 106 -13.31 24.22 1.58
C ALA D 106 -14.19 23.16 0.91
N PRO D 107 -15.37 22.86 1.48
CA PRO D 107 -16.20 21.80 0.92
C PRO D 107 -16.79 22.10 -0.45
N VAL D 108 -17.22 21.01 -1.07
CA VAL D 108 -17.82 21.09 -2.36
C VAL D 108 -19.04 21.99 -2.32
N ASN D 109 -19.21 22.73 -3.41
CA ASN D 109 -20.33 23.63 -3.61
C ASN D 109 -20.24 24.90 -2.78
N SER D 110 -19.13 25.14 -2.11
CA SER D 110 -18.91 26.45 -1.49
C SER D 110 -18.04 27.30 -2.41
N ILE D 111 -18.37 28.57 -2.57
CA ILE D 111 -17.63 29.42 -3.51
C ILE D 111 -16.13 29.48 -3.12
N SER D 112 -15.85 29.43 -1.82
CA SER D 112 -14.46 29.42 -1.34
C SER D 112 -13.62 28.29 -1.94
N ARG D 113 -14.21 27.11 -2.11
CA ARG D 113 -13.49 26.01 -2.71
C ARG D 113 -12.97 26.39 -4.10
N TYR D 114 -13.86 26.98 -4.89
CA TYR D 114 -13.55 27.22 -6.29
C TYR D 114 -12.61 28.37 -6.43
N LYS D 115 -12.62 29.29 -5.49
CA LYS D 115 -11.63 30.34 -5.48
C LYS D 115 -10.23 29.78 -5.24
N THR D 116 -10.12 28.75 -4.40
CA THR D 116 -8.86 28.09 -4.13
C THR D 116 -8.38 27.30 -5.36
N ILE D 117 -9.32 26.61 -5.99
CA ILE D 117 -9.03 25.89 -7.24
C ILE D 117 -8.59 26.84 -8.33
N GLU D 118 -9.21 28.04 -8.37
CA GLU D 118 -8.87 29.13 -9.26
C GLU D 118 -7.39 29.50 -9.05
N TRP D 119 -6.97 29.72 -7.80
CA TRP D 119 -5.55 30.06 -7.53
C TRP D 119 -4.61 28.89 -7.86
N LEU D 120 -5.04 27.66 -7.55
CA LEU D 120 -4.28 26.46 -7.91
C LEU D 120 -4.00 26.42 -9.41
N ASN D 121 -5.02 26.70 -10.22
CA ASN D 121 -4.82 26.66 -11.67
C ASN D 121 -3.98 27.82 -12.18
N TYR D 122 -4.15 29.01 -11.59
CA TYR D 122 -3.29 30.16 -11.89
C TYR D 122 -1.83 29.81 -11.61
N ILE D 123 -1.58 29.25 -10.42
CA ILE D 123 -0.22 28.92 -10.05
C ILE D 123 0.34 27.87 -11.02
N ALA D 124 -0.45 26.84 -11.30
CA ALA D 124 0.03 25.78 -12.20
C ALA D 124 0.35 26.30 -13.59
N THR D 125 -0.58 27.02 -14.19
CA THR D 125 -0.52 27.38 -15.61
C THR D 125 0.26 28.66 -15.92
N GLU D 126 0.18 29.63 -15.03
CA GLU D 126 0.77 30.93 -15.29
C GLU D 126 2.10 31.09 -14.58
N LEU D 127 2.24 30.55 -13.37
CA LEU D 127 3.49 30.72 -12.63
C LEU D 127 4.43 29.53 -12.85
N HIS D 128 3.97 28.35 -12.45
CA HIS D 128 4.76 27.15 -12.56
C HIS D 128 5.20 26.99 -14.02
N LYS D 129 4.25 26.91 -14.94
CA LYS D 129 4.66 26.70 -16.34
C LYS D 129 5.27 27.94 -16.99
N GLY D 130 5.12 29.08 -16.32
CA GLY D 130 5.77 30.30 -16.78
C GLY D 130 7.26 30.25 -16.54
N PHE D 131 7.66 29.59 -15.46
CA PHE D 131 9.06 29.41 -15.12
C PHE D 131 9.74 28.31 -15.97
N THR D 132 8.95 27.36 -16.49
CA THR D 132 9.53 26.16 -17.11
C THR D 132 10.60 26.44 -18.17
N PRO D 133 10.35 27.41 -19.08
CA PRO D 133 11.38 27.62 -20.09
C PRO D 133 12.75 27.95 -19.50
N LEU D 134 12.77 28.53 -18.32
CA LEU D 134 14.04 28.95 -17.72
C LEU D 134 14.84 27.76 -17.19
N PHE D 135 14.19 26.61 -17.07
CA PHE D 135 14.85 25.43 -16.53
C PHE D 135 15.15 24.35 -17.56
N ARG D 136 14.72 24.54 -18.80
CA ARG D 136 15.04 23.57 -19.84
C ARG D 136 16.21 24.07 -20.68
N PRO D 137 17.04 23.13 -21.16
CA PRO D 137 18.15 23.39 -22.10
C PRO D 137 17.69 23.69 -23.52
N ASP D 138 16.52 23.22 -23.92
CA ASP D 138 16.06 23.43 -25.29
C ASP D 138 15.62 24.88 -25.52
N THR D 139 15.72 25.71 -24.48
CA THR D 139 15.26 27.08 -24.56
C THR D 139 16.37 27.99 -25.01
N PRO D 140 16.17 28.71 -26.12
CA PRO D 140 17.16 29.67 -26.65
C PRO D 140 17.31 30.87 -25.72
N GLU D 141 18.55 31.31 -25.48
CA GLU D 141 18.79 32.40 -24.53
C GLU D 141 18.05 33.69 -24.93
N GLU D 142 17.83 33.87 -26.22
CA GLU D 142 17.16 35.05 -26.74
C GLU D 142 15.72 35.21 -26.22
N TYR D 143 15.09 34.08 -25.91
CA TYR D 143 13.69 34.07 -25.51
C TYR D 143 13.55 34.30 -24.01
N LYS D 144 14.65 34.14 -23.28
CA LYS D 144 14.58 34.16 -21.81
C LYS D 144 14.26 35.55 -21.26
N PRO D 145 14.87 36.61 -21.80
CA PRO D 145 14.51 37.91 -21.25
C PRO D 145 13.01 38.21 -21.44
N THR D 146 12.43 37.70 -22.52
CA THR D 146 10.99 37.82 -22.76
C THR D 146 10.21 37.12 -21.63
N VAL D 147 10.55 35.86 -21.39
CA VAL D 147 9.94 35.04 -20.33
C VAL D 147 9.99 35.72 -18.96
N ARG D 148 11.16 36.26 -18.64
CA ARG D 148 11.38 36.88 -17.34
C ARG D 148 10.58 38.16 -17.18
N ALA D 149 10.41 38.91 -18.28
CA ALA D 149 9.52 40.08 -18.27
C ALA D 149 8.08 39.70 -17.95
N GLN D 150 7.63 38.59 -18.52
CA GLN D 150 6.29 38.08 -18.29
C GLN D 150 6.12 37.71 -16.83
N LEU D 151 7.13 37.01 -16.30
CA LEU D 151 7.10 36.58 -14.91
C LEU D 151 7.09 37.77 -14.00
N ASP D 152 7.82 38.81 -14.40
CA ASP D 152 7.86 40.06 -13.63
C ASP D 152 6.46 40.65 -13.49
N LYS D 153 5.69 40.70 -14.57
CA LYS D 153 4.33 41.22 -14.51
C LYS D 153 3.43 40.36 -13.62
N LYS D 154 3.61 39.04 -13.68
CA LYS D 154 2.79 38.17 -12.86
C LYS D 154 3.10 38.34 -11.38
N LEU D 155 4.36 38.61 -11.05
CA LEU D 155 4.73 38.78 -9.65
C LEU D 155 4.10 40.05 -9.11
N GLN D 156 3.94 41.05 -9.96
CA GLN D 156 3.26 42.28 -9.53
C GLN D 156 1.82 41.91 -9.17
N TYR D 157 1.21 41.07 -10.01
CA TYR D 157 -0.18 40.65 -9.78
C TYR D 157 -0.31 39.86 -8.49
N VAL D 158 0.62 38.94 -8.26
CA VAL D 158 0.62 38.13 -7.06
C VAL D 158 0.79 39.00 -5.82
N ASN D 159 1.69 39.96 -5.91
CA ASN D 159 1.94 40.86 -4.76
C ASN D 159 0.68 41.66 -4.41
N GLU D 160 0.02 42.22 -5.42
CA GLU D 160 -1.25 42.89 -5.23
C GLU D 160 -2.28 41.93 -4.62
N ALA D 161 -2.30 40.67 -5.07
CA ALA D 161 -3.29 39.73 -4.53
C ALA D 161 -3.07 39.45 -3.04
N LEU D 162 -1.83 39.64 -2.57
CA LEU D 162 -1.49 39.39 -1.17
C LEU D 162 -1.50 40.67 -0.33
N LYS D 163 -2.11 41.75 -0.84
CA LYS D 163 -2.00 43.07 -0.20
C LYS D 163 -2.53 43.08 1.24
N ASP D 164 -3.44 42.18 1.57
CA ASP D 164 -3.96 42.12 2.96
C ASP D 164 -3.02 41.36 3.92
N GLU D 165 -1.97 40.78 3.34
CA GLU D 165 -0.90 40.09 4.08
C GLU D 165 -1.46 39.04 5.04
N HIS D 166 -2.37 38.24 4.49
CA HIS D 166 -2.80 37.03 5.15
C HIS D 166 -2.37 35.87 4.24
N TRP D 167 -3.33 35.20 3.63
CA TRP D 167 -3.01 34.03 2.79
C TRP D 167 -3.49 34.32 1.37
N ILE D 168 -3.21 33.42 0.42
CA ILE D 168 -3.51 33.77 -0.98
C ILE D 168 -5.01 33.84 -1.25
N CYS D 169 -5.79 33.03 -0.55
CA CYS D 169 -7.24 33.12 -0.72
C CYS D 169 -7.87 34.08 0.28
N GLY D 170 -7.04 34.83 1.00
CA GLY D 170 -7.54 35.80 1.99
C GLY D 170 -7.34 35.35 3.43
N GLN D 171 -8.43 35.13 4.15
CA GLN D 171 -8.33 34.91 5.59
C GLN D 171 -7.95 33.47 5.99
N ARG D 172 -8.20 32.48 5.11
CA ARG D 172 -7.95 31.07 5.43
C ARG D 172 -6.75 30.43 4.66
N PHE D 173 -5.88 29.73 5.39
CA PHE D 173 -4.75 29.01 4.81
C PHE D 173 -5.23 27.79 4.02
N THR D 174 -4.63 27.54 2.86
CA THR D 174 -5.08 26.44 1.99
C THR D 174 -3.94 25.76 1.23
N ILE D 175 -4.27 24.69 0.52
CA ILE D 175 -3.31 24.09 -0.36
C ILE D 175 -2.74 25.05 -1.41
N ALA D 176 -3.45 26.13 -1.78
CA ALA D 176 -2.87 27.10 -2.72
C ALA D 176 -1.62 27.79 -2.16
N ASP D 177 -1.60 28.00 -0.84
CA ASP D 177 -0.44 28.64 -0.22
C ASP D 177 0.82 27.79 -0.37
N ALA D 178 0.73 26.47 -0.20
CA ALA D 178 1.92 25.61 -0.31
C ALA D 178 2.47 25.69 -1.71
N TYR D 179 1.56 25.70 -2.67
CA TYR D 179 1.93 25.71 -4.06
C TYR D 179 2.55 27.07 -4.45
N LEU D 180 1.88 28.15 -4.08
CA LEU D 180 2.44 29.47 -4.32
C LEU D 180 3.84 29.62 -3.72
N PHE D 181 4.03 29.20 -2.46
CA PHE D 181 5.34 29.30 -1.80
C PHE D 181 6.39 28.54 -2.59
N THR D 182 6.01 27.38 -3.11
CA THR D 182 6.95 26.50 -3.81
C THR D 182 7.47 27.18 -5.07
N VAL D 183 6.55 27.79 -5.82
CA VAL D 183 6.93 28.42 -7.08
C VAL D 183 7.64 29.77 -6.81
N LEU D 184 7.21 30.50 -5.80
CA LEU D 184 7.90 31.75 -5.50
C LEU D 184 9.35 31.55 -5.03
N ARG D 185 9.67 30.43 -4.38
CA ARG D 185 11.08 30.11 -4.08
C ARG D 185 11.95 30.20 -5.34
N TRP D 186 11.36 29.86 -6.49
CA TRP D 186 12.10 29.89 -7.74
C TRP D 186 12.36 31.32 -8.18
N ALA D 187 11.50 32.26 -7.80
CA ALA D 187 11.69 33.64 -8.20
C ALA D 187 13.00 34.14 -7.61
N TYR D 188 13.28 33.71 -6.38
CA TYR D 188 14.50 34.08 -5.70
C TYR D 188 15.70 33.35 -6.31
N ALA D 189 15.53 32.06 -6.53
CA ALA D 189 16.58 31.23 -7.13
C ALA D 189 17.13 31.84 -8.43
N VAL D 190 16.24 32.21 -9.35
CA VAL D 190 16.68 32.77 -10.63
C VAL D 190 16.87 34.29 -10.55
N LYS D 191 16.92 34.79 -9.31
CA LYS D 191 17.23 36.17 -9.03
C LYS D 191 16.43 37.13 -9.91
N LEU D 192 15.11 36.95 -9.91
CA LEU D 192 14.20 37.95 -10.43
C LEU D 192 14.21 39.13 -9.46
N ASN D 193 13.59 40.25 -9.82
CA ASN D 193 13.66 41.44 -9.00
C ASN D 193 12.40 41.58 -8.19
N LEU D 194 12.51 41.26 -6.91
CA LEU D 194 11.35 41.32 -6.04
C LEU D 194 11.32 42.58 -5.15
N GLU D 195 12.22 43.54 -5.40
CA GLU D 195 12.27 44.75 -4.58
C GLU D 195 10.93 45.49 -4.66
N GLY D 196 10.48 45.99 -3.53
CA GLY D 196 9.22 46.69 -3.47
C GLY D 196 8.01 45.79 -3.33
N LEU D 197 8.18 44.48 -3.51
CA LEU D 197 7.07 43.56 -3.44
C LEU D 197 6.93 43.09 -1.99
N GLU D 198 6.45 43.99 -1.13
CA GLU D 198 6.46 43.80 0.31
C GLU D 198 5.52 42.72 0.77
N HIS D 199 4.45 42.50 0.00
CA HIS D 199 3.43 41.51 0.37
C HIS D 199 3.94 40.09 0.11
N ILE D 200 4.61 39.90 -1.03
CA ILE D 200 5.30 38.65 -1.28
C ILE D 200 6.32 38.33 -0.17
N ALA D 201 7.07 39.34 0.24
CA ALA D 201 8.05 39.19 1.29
C ALA D 201 7.40 38.69 2.56
N ALA D 202 6.31 39.34 2.97
CA ALA D 202 5.63 38.95 4.21
C ALA D 202 5.07 37.54 4.11
N PHE D 203 4.50 37.18 2.96
CA PHE D 203 3.97 35.84 2.76
C PHE D 203 5.06 34.75 2.89
N MET D 204 6.23 34.98 2.31
CA MET D 204 7.34 34.03 2.40
C MET D 204 7.82 33.87 3.85
N GLN D 205 7.82 34.96 4.62
CA GLN D 205 8.18 34.83 6.02
C GLN D 205 7.13 34.05 6.83
N ARG D 206 5.85 34.29 6.57
CA ARG D 206 4.83 33.52 7.30
C ARG D 206 4.94 32.02 6.96
N MET D 207 5.19 31.70 5.69
CA MET D 207 5.31 30.31 5.30
C MET D 207 6.48 29.65 6.00
N ALA D 208 7.58 30.37 6.14
CA ALA D 208 8.79 29.81 6.78
C ALA D 208 8.57 29.50 8.24
N GLU D 209 7.57 30.15 8.83
CA GLU D 209 7.26 29.96 10.23
C GLU D 209 6.44 28.69 10.50
N ARG D 210 5.87 28.09 9.46
CA ARG D 210 5.04 26.90 9.65
C ARG D 210 5.90 25.63 9.82
N PRO D 211 5.58 24.80 10.82
CA PRO D 211 6.49 23.68 11.04
C PRO D 211 6.52 22.67 9.87
N GLU D 212 5.38 22.49 9.21
CA GLU D 212 5.26 21.54 8.12
C GLU D 212 6.14 21.96 6.97
N VAL D 213 6.28 23.28 6.80
CA VAL D 213 7.12 23.86 5.77
C VAL D 213 8.60 23.68 6.15
N GLN D 214 8.95 24.05 7.39
CA GLN D 214 10.30 23.83 7.91
C GLN D 214 10.74 22.38 7.76
N ASP D 215 9.88 21.47 8.16
CA ASP D 215 10.22 20.08 8.15
C ASP D 215 10.35 19.54 6.69
N ALA D 216 9.54 20.08 5.78
CA ALA D 216 9.63 19.70 4.38
C ALA D 216 10.95 20.16 3.81
N LEU D 217 11.32 21.42 4.09
CA LEU D 217 12.57 21.95 3.58
C LEU D 217 13.71 21.15 4.15
N SER D 218 13.69 20.92 5.46
CA SER D 218 14.73 20.13 6.11
C SER D 218 14.89 18.75 5.44
N ALA D 219 13.76 18.06 5.29
CA ALA D 219 13.75 16.72 4.75
C ALA D 219 14.31 16.70 3.31
N GLU D 220 14.17 17.81 2.59
CA GLU D 220 14.68 17.93 1.23
C GLU D 220 16.09 18.48 1.11
N GLY D 221 16.70 18.82 2.24
CA GLY D 221 18.07 19.30 2.27
C GLY D 221 18.21 20.74 1.77
N LEU D 222 17.13 21.52 1.85
CA LEU D 222 17.13 22.91 1.38
C LEU D 222 17.50 23.90 2.48
N1 GSH E . 7.08 -17.66 16.25
CA1 GSH E . 6.49 -16.36 16.47
C1 GSH E . 5.01 -16.53 16.52
O11 GSH E . 4.52 -17.49 15.81
O12 GSH E . 4.28 -15.79 17.25
CB1 GSH E . 6.87 -15.44 15.36
CG1 GSH E . 6.31 -14.06 15.61
CD1 GSH E . 6.88 -13.12 14.56
OE1 GSH E . 7.35 -13.51 13.49
N2 GSH E . 6.78 -11.74 14.86
CA2 GSH E . 7.23 -10.74 13.97
C2 GSH E . 8.04 -9.75 14.76
O2 GSH E . 7.72 -9.38 15.92
CB2 GSH E . 6.10 -9.98 13.40
SG2 GSH E . 5.13 -10.92 12.19
N3 GSH E . 9.18 -9.25 14.09
CA3 GSH E . 9.97 -8.25 14.80
C3 GSH E . 11.34 -8.69 15.15
O31 GSH E . 12.18 -7.74 15.28
O32 GSH E . 11.64 -9.90 15.32
HN11 GSH E . 8.00 -17.60 16.32
HN12 GSH E . 6.77 -18.25 16.86
HA1 GSH E . 6.80 -15.99 17.32
HB12 GSH E . 7.84 -15.39 15.31
HB13 GSH E . 6.52 -15.77 14.54
HG12 GSH E . 6.59 -13.76 16.50
HG13 GSH E . 5.34 -14.07 15.57
HN2 GSH E . 6.40 -11.49 15.66
HA2 GSH E . 7.77 -11.14 13.27
HB22 GSH E . 6.45 -9.19 12.95
HB23 GSH E . 5.50 -9.71 14.12
HSG GSH E . 4.54 -10.16 11.49
HN3 GSH E . 9.39 -9.52 13.24
HA31 GSH E . 10.04 -7.46 14.23
HA32 GSH E . 9.51 -8.00 15.62
N1 GSH F . 4.80 -27.72 8.07
CA1 GSH F . 5.14 -29.12 7.99
C1 GSH F . 5.03 -29.71 9.36
O11 GSH F . 5.26 -28.98 10.38
O12 GSH F . 4.76 -30.93 9.54
CB1 GSH F . 6.57 -29.22 7.54
CG1 GSH F . 7.00 -30.66 7.33
CD1 GSH F . 8.41 -30.67 6.73
OE1 GSH F . 9.18 -29.72 6.65
N2 GSH F . 8.79 -31.91 6.21
CA2 GSH F . 10.06 -32.14 5.59
C2 GSH F . 9.78 -32.83 4.26
O2 GSH F . 8.91 -33.69 4.08
CB2 GSH F . 10.87 -33.05 6.42
SG2 GSH F . 11.53 -32.19 7.89
N3 GSH F . 10.63 -32.38 3.22
CA3 GSH F . 10.49 -32.99 1.91
C3 GSH F . 10.02 -32.11 0.80
O31 GSH F . 9.29 -31.10 1.00
O32 GSH F . 10.38 -32.46 -0.37
HN11 GSH F . 3.99 -27.63 8.49
HN12 GSH F . 4.74 -27.36 7.24
HA1 GSH F . 4.54 -29.58 7.36
HB12 GSH F . 6.66 -28.73 6.70
HB13 GSH F . 7.14 -28.82 8.21
HG12 GSH F . 7.01 -31.13 8.19
HG13 GSH F . 6.39 -31.12 6.73
HN2 GSH F . 8.19 -32.62 6.27
HA2 GSH F . 10.52 -31.30 5.46
HB22 GSH F . 11.62 -33.39 5.88
HB23 GSH F . 10.32 -33.82 6.70
HSG GSH F . 12.52 -32.74 8.27
HN3 GSH F . 11.27 -31.75 3.38
HA31 GSH F . 9.84 -33.71 2.00
HA32 GSH F . 11.34 -33.37 1.65
N1 GSH G . -4.81 30.16 -17.00
CA1 GSH G . -5.97 30.48 -17.77
C1 GSH G . -7.02 29.40 -17.73
O11 GSH G . -8.26 29.64 -17.86
O12 GSH G . -6.67 28.21 -17.58
CB1 GSH G . -5.48 30.54 -19.18
CG1 GSH G . -6.58 31.13 -20.02
CD1 GSH G . -6.05 31.52 -21.38
OE1 GSH G . -4.93 31.20 -21.74
N2 GSH G . -6.93 32.26 -22.24
CA2 GSH G . -6.50 32.63 -23.56
C2 GSH G . -6.58 34.15 -23.59
O2 GSH G . -7.55 34.77 -23.12
CB2 GSH G . -7.40 32.00 -24.58
SG2 GSH G . -7.05 30.26 -24.90
N3 GSH G . -5.47 34.88 -24.20
CA3 GSH G . -5.47 36.34 -24.23
C3 GSH G . -4.39 36.85 -23.33
O31 GSH G . -4.12 38.07 -23.29
O32 GSH G . -3.72 36.07 -22.60
HN11 GSH G . -5.06 29.72 -16.23
HN12 GSH G . -4.36 30.93 -16.77
HA1 GSH G . -6.34 31.34 -17.49
HB12 GSH G . -4.68 31.13 -19.22
HB13 GSH G . -5.25 29.66 -19.49
HG12 GSH G . -6.93 31.93 -19.58
HG13 GSH G . -7.30 30.49 -20.13
HN2 GSH G . -7.78 32.48 -21.95
HA2 GSH G . -5.59 32.35 -23.70
HB22 GSH G . -8.33 32.08 -24.27
HB23 GSH G . -7.30 32.49 -25.43
HSG GSH G . -7.47 29.97 -25.98
HN3 GSH G . -4.76 34.41 -24.53
HA31 GSH G . -5.29 36.64 -25.14
HA32 GSH G . -6.33 36.68 -23.94
N1 GSH H . 1.96 19.18 -15.06
CA1 GSH H . 2.85 18.67 -14.06
C1 GSH H . 2.31 19.00 -12.70
O11 GSH H . 1.62 20.04 -12.55
O12 GSH H . 2.55 18.25 -11.71
CB1 GSH H . 4.16 19.38 -14.20
CG1 GSH H . 5.20 18.71 -13.30
CD1 GSH H . 6.56 19.29 -13.61
OE1 GSH H . 6.70 20.28 -14.27
N2 GSH H . 7.70 18.62 -13.05
CA2 GSH H . 9.00 19.12 -13.26
C2 GSH H . 9.82 17.93 -13.70
O2 GSH H . 9.65 16.80 -13.22
CB2 GSH H . 9.53 19.67 -11.95
SG2 GSH H . 9.00 21.30 -11.42
N3 GSH H . 10.80 18.07 -14.75
CA3 GSH H . 11.56 16.90 -15.16
C3 GSH H . 11.58 16.81 -16.65
O31 GSH H . 12.67 16.63 -17.25
O32 GSH H . 10.50 16.92 -17.29
HN11 GSH H . 2.20 18.85 -15.86
HN12 GSH H . 1.11 18.93 -14.86
HA1 GSH H . 2.97 17.70 -14.16
HB12 GSH H . 4.46 19.33 -15.13
HB13 GSH H . 4.05 20.31 -13.94
HG12 GSH H . 4.99 18.87 -12.37
HG13 GSH H . 5.22 17.76 -13.46
HN2 GSH H . 7.57 17.88 -12.52
HA2 GSH H . 9.01 19.81 -13.93
HB22 GSH H . 10.51 19.69 -12.01
HB23 GSH H . 9.29 19.04 -11.24
HSG GSH H . 9.83 21.77 -10.69
HN3 GSH H . 10.95 18.89 -15.14
HA31 GSH H . 12.47 16.98 -14.83
HA32 GSH H . 11.15 16.10 -14.79
#